data_3L12
#
_entry.id   3L12
#
_cell.length_a   50.409
_cell.length_b   136.411
_cell.length_c   50.548
_cell.angle_alpha   90.000
_cell.angle_beta   118.000
_cell.angle_gamma   90.000
#
_symmetry.space_group_name_H-M   'P 1 21 1'
#
loop_
_entity.id
_entity.type
_entity.pdbx_description
1 polymer 'Putative Glycerophosphoryl diester phosphodiesterase'
2 non-polymer 'MAGNESIUM ION'
3 non-polymer 'CHLORIDE ION'
4 non-polymer 'UNKNOWN LIGAND'
5 water water
#
_entity_poly.entity_id   1
_entity_poly.type   'polypeptide(L)'
_entity_poly.pdbx_seq_one_letter_code
;G(MSE)NGFSQLEGLRGHPSVVRVIGHRGARGV(MSE)PENTLEGFAFTLAAGVRALEFDVV(MSE)TADGVPVVTHNHH
LANA(MSE)TRDGQGHWLTGAERQVAE(MSE)TYAEIRALDVGGLDGRTVYGRRFPDQAFLTGIHVPRLGELLDLCAGYG
DQAPYLLLELKSDPAL(MSE)HDHAARAE(MSE)VAAVLADVRRYR(MSE)EPRTV(MSE)HSFDWALLGECRRQAPDLP
TSYLSQLPENADDPGEDSAKPVGPDYDR(MSE)TESLPQAVASAGGQLWCPYFLDVTPELVAEAHDLGLIVLTWTVNEPE
DIRR(MSE)ATTGVDGIVTDYPGRTQRILID(MSE)GLSWT
;
_entity_poly.pdbx_strand_id   A,B
#
loop_
_chem_comp.id
_chem_comp.type
_chem_comp.name
_chem_comp.formula
CL non-polymer 'CHLORIDE ION' 'Cl -1'
MG non-polymer 'MAGNESIUM ION' 'Mg 2'
UNL non-polymer 'UNKNOWN LIGAND' ?
#
# COMPACT_ATOMS: atom_id res chain seq x y z
N GLY A 4 -35.02 -6.97 -0.80
CA GLY A 4 -34.19 -8.16 -1.11
C GLY A 4 -33.07 -7.89 -2.11
N PHE A 5 -32.19 -6.93 -1.79
CA PHE A 5 -31.05 -6.59 -2.64
C PHE A 5 -29.81 -7.30 -2.08
N SER A 6 -29.32 -8.29 -2.80
CA SER A 6 -28.18 -9.10 -2.33
C SER A 6 -26.89 -8.28 -2.27
N GLN A 7 -26.85 -7.22 -3.05
CA GLN A 7 -25.70 -6.33 -3.07
C GLN A 7 -25.46 -5.67 -1.71
N LEU A 8 -26.52 -5.45 -0.94
CA LEU A 8 -26.41 -4.74 0.33
C LEU A 8 -25.76 -5.57 1.43
N GLU A 9 -25.62 -6.89 1.21
CA GLU A 9 -25.01 -7.77 2.21
C GLU A 9 -23.60 -7.31 2.58
N GLY A 10 -22.83 -6.80 1.62
CA GLY A 10 -21.49 -6.35 1.90
C GLY A 10 -21.36 -4.90 2.38
N LEU A 11 -22.47 -4.18 2.47
CA LEU A 11 -22.49 -2.78 2.87
C LEU A 11 -23.28 -2.57 4.18
N ARG A 12 -24.04 -3.59 4.59
CA ARG A 12 -24.80 -3.50 5.82
C ARG A 12 -23.91 -3.88 7.02
N GLY A 13 -24.02 -3.08 8.08
CA GLY A 13 -23.28 -3.29 9.33
C GLY A 13 -24.10 -4.15 10.26
N HIS A 14 -23.50 -4.46 11.40
N HIS A 14 -23.46 -4.48 11.39
CA HIS A 14 -24.17 -5.17 12.47
CA HIS A 14 -24.00 -5.35 12.43
C HIS A 14 -23.34 -4.94 13.72
C HIS A 14 -23.42 -4.83 13.73
N PRO A 15 -23.77 -5.45 14.88
CA PRO A 15 -23.09 -4.98 16.11
C PRO A 15 -21.59 -5.16 16.17
N SER A 16 -21.09 -6.17 15.47
CA SER A 16 -19.65 -6.45 15.45
C SER A 16 -18.90 -5.93 14.26
N VAL A 17 -19.62 -5.31 13.31
CA VAL A 17 -19.02 -4.96 12.02
C VAL A 17 -19.35 -3.56 11.51
N VAL A 18 -18.29 -2.85 11.11
CA VAL A 18 -18.37 -1.63 10.37
C VAL A 18 -17.63 -1.91 9.05
N ARG A 19 -18.33 -1.71 7.94
CA ARG A 19 -17.72 -1.98 6.64
C ARG A 19 -16.68 -0.91 6.30
N VAL A 20 -15.69 -1.33 5.53
CA VAL A 20 -14.58 -0.45 5.09
C VAL A 20 -14.64 -0.37 3.56
N ILE A 21 -14.89 0.83 3.05
CA ILE A 21 -15.00 1.08 1.63
C ILE A 21 -13.79 1.90 1.20
N GLY A 22 -13.04 1.36 0.23
CA GLY A 22 -11.83 1.98 -0.29
C GLY A 22 -12.13 3.13 -1.22
N HIS A 23 -11.87 4.37 -0.79
CA HIS A 23 -12.21 5.55 -1.59
C HIS A 23 -11.29 5.66 -2.83
N ARG A 24 -11.88 5.53 -4.03
CA ARG A 24 -11.16 5.50 -5.32
C ARG A 24 -10.10 4.41 -5.29
N GLY A 25 -10.35 3.35 -4.53
CA GLY A 25 -9.35 2.35 -4.27
C GLY A 25 -8.76 2.67 -2.91
N ALA A 26 -7.56 3.27 -2.87
CA ALA A 26 -6.89 3.67 -1.63
C ALA A 26 -6.06 4.90 -1.96
N ARG A 27 -6.73 6.02 -2.18
CA ARG A 27 -6.08 7.24 -2.61
C ARG A 27 -4.94 7.68 -1.69
N GLY A 28 -4.99 7.41 -0.39
CA GLY A 28 -3.83 7.73 0.45
C GLY A 28 -2.56 6.94 0.22
N VAL A 29 -2.65 5.77 -0.47
CA VAL A 29 -1.57 4.84 -0.69
C VAL A 29 -1.11 4.70 -2.19
N MSE A 30 -2.07 4.69 -3.10
CA MSE A 30 -1.89 4.49 -4.48
C MSE A 30 -2.67 5.51 -5.29
O MSE A 30 -3.64 6.02 -4.84
CB MSE A 30 -2.39 3.10 -4.91
CG MSE A 30 -1.46 2.03 -4.38
SE MSE A 30 0.27 1.82 -5.17
CE MSE A 30 -0.28 0.81 -6.73
N PRO A 31 -2.16 5.87 -6.49
CA PRO A 31 -2.91 6.79 -7.36
C PRO A 31 -4.37 6.40 -7.44
N GLU A 32 -5.20 7.39 -7.32
CA GLU A 32 -6.62 7.14 -7.24
C GLU A 32 -7.22 6.65 -8.54
N ASN A 33 -8.30 5.89 -8.43
CA ASN A 33 -9.04 5.44 -9.59
C ASN A 33 -8.18 4.75 -10.68
N THR A 34 -7.16 4.01 -10.21
CA THR A 34 -6.30 3.25 -11.10
C THR A 34 -6.47 1.76 -10.84
N LEU A 35 -6.37 0.96 -11.89
CA LEU A 35 -6.40 -0.52 -11.77
C LEU A 35 -5.34 -0.97 -10.76
N GLU A 36 -4.18 -0.32 -10.79
CA GLU A 36 -3.11 -0.64 -9.83
C GLU A 36 -3.54 -0.40 -8.39
N GLY A 37 -4.21 0.70 -8.13
CA GLY A 37 -4.66 1.05 -6.81
C GLY A 37 -5.80 0.16 -6.36
N PHE A 38 -6.66 -0.27 -7.33
CA PHE A 38 -7.75 -1.18 -6.96
C PHE A 38 -7.23 -2.55 -6.56
N ALA A 39 -6.23 -3.04 -7.29
CA ALA A 39 -5.65 -4.31 -6.94
C ALA A 39 -4.97 -4.26 -5.60
N PHE A 40 -4.26 -3.17 -5.32
CA PHE A 40 -3.65 -3.00 -4.02
C PHE A 40 -4.73 -3.07 -2.91
N THR A 41 -5.82 -2.34 -3.13
CA THR A 41 -6.91 -2.23 -2.14
C THR A 41 -7.45 -3.59 -1.82
N LEU A 42 -7.66 -4.40 -2.85
CA LEU A 42 -8.15 -5.75 -2.62
C LEU A 42 -7.12 -6.67 -1.93
N ALA A 43 -5.85 -6.47 -2.23
CA ALA A 43 -4.77 -7.20 -1.57
C ALA A 43 -4.60 -6.78 -0.12
N ALA A 44 -5.08 -5.62 0.24
CA ALA A 44 -5.01 -5.17 1.60
C ALA A 44 -6.24 -5.66 2.40
N GLY A 45 -7.06 -6.53 1.82
CA GLY A 45 -8.25 -7.13 2.47
C GLY A 45 -9.55 -6.34 2.46
N VAL A 46 -9.59 -5.26 1.69
CA VAL A 46 -10.73 -4.43 1.58
C VAL A 46 -11.71 -5.19 0.67
N ARG A 47 -12.98 -5.22 1.10
CA ARG A 47 -14.02 -5.97 0.42
C ARG A 47 -15.04 -5.11 -0.34
N ALA A 48 -14.87 -3.82 -0.33
CA ALA A 48 -15.75 -2.88 -1.00
C ALA A 48 -14.97 -1.69 -1.50
N LEU A 49 -15.32 -1.24 -2.70
CA LEU A 49 -14.63 -0.17 -3.36
C LEU A 49 -15.60 0.89 -3.78
N GLU A 50 -15.19 2.14 -3.69
CA GLU A 50 -15.90 3.22 -4.29
C GLU A 50 -15.06 3.81 -5.41
N PHE A 51 -15.70 4.19 -6.49
CA PHE A 51 -15.02 4.79 -7.60
C PHE A 51 -16.04 5.60 -8.41
N ASP A 52 -15.54 6.37 -9.38
CA ASP A 52 -16.35 7.36 -10.07
C ASP A 52 -16.35 7.05 -11.54
N VAL A 53 -17.49 7.33 -12.20
CA VAL A 53 -17.59 7.09 -13.63
C VAL A 53 -18.11 8.33 -14.32
N VAL A 54 -17.42 8.70 -15.41
N VAL A 54 -17.46 8.70 -15.42
CA VAL A 54 -17.72 9.85 -16.23
CA VAL A 54 -17.91 9.80 -16.26
C VAL A 54 -17.69 9.41 -17.72
C VAL A 54 -17.86 9.31 -17.69
N MSE A 55 -18.51 10.05 -18.57
CA MSE A 55 -18.54 9.75 -19.99
C MSE A 55 -17.55 10.58 -20.85
O MSE A 55 -17.48 11.78 -20.69
CB MSE A 55 -19.93 10.01 -20.55
CG MSE A 55 -21.08 9.23 -19.93
SE MSE A 55 -20.82 7.31 -20.13
CE MSE A 55 -20.83 7.08 -21.75
N THR A 56 -16.87 9.91 -21.77
CA THR A 56 -16.05 10.60 -22.76
C THR A 56 -16.93 11.09 -23.92
N ALA A 57 -16.32 11.84 -24.84
CA ALA A 57 -17.04 12.34 -26.02
C ALA A 57 -17.55 11.21 -26.88
N ASP A 58 -16.80 10.12 -26.94
CA ASP A 58 -17.16 8.97 -27.75
C ASP A 58 -17.98 7.92 -27.02
N GLY A 59 -18.56 8.31 -25.89
CA GLY A 59 -19.49 7.46 -25.16
C GLY A 59 -18.89 6.33 -24.36
N VAL A 60 -17.65 6.51 -23.92
CA VAL A 60 -16.98 5.46 -23.12
C VAL A 60 -17.08 5.83 -21.62
N PRO A 61 -17.68 4.95 -20.79
CA PRO A 61 -17.63 5.20 -19.34
C PRO A 61 -16.20 4.94 -18.85
N VAL A 62 -15.60 5.94 -18.23
CA VAL A 62 -14.22 5.86 -17.72
C VAL A 62 -14.22 6.17 -16.24
N VAL A 63 -13.15 5.69 -15.58
CA VAL A 63 -13.02 5.80 -14.15
C VAL A 63 -12.10 6.96 -13.77
N THR A 64 -12.73 8.09 -13.42
CA THR A 64 -12.02 9.33 -13.02
C THR A 64 -13.01 10.12 -12.18
N HIS A 65 -12.50 10.91 -11.25
N HIS A 65 -12.53 10.86 -11.18
CA HIS A 65 -13.34 11.50 -10.22
CA HIS A 65 -13.43 11.52 -10.21
C HIS A 65 -14.17 12.67 -10.61
C HIS A 65 -14.29 12.59 -10.73
N ASN A 66 -13.75 13.39 -11.65
CA ASN A 66 -14.48 14.55 -12.11
C ASN A 66 -14.65 14.67 -13.63
N HIS A 67 -15.65 15.48 -14.00
CA HIS A 67 -15.97 15.70 -15.42
C HIS A 67 -14.93 16.57 -16.14
N HIS A 68 -13.98 17.13 -15.39
CA HIS A 68 -12.79 17.79 -15.91
C HIS A 68 -11.54 17.13 -15.30
N LEU A 69 -10.42 17.16 -16.02
CA LEU A 69 -9.18 16.57 -15.55
C LEU A 69 -8.38 17.59 -14.74
N ALA A 70 -7.89 17.19 -13.57
CA ALA A 70 -7.17 18.13 -12.68
C ALA A 70 -5.69 18.14 -12.99
N ASN A 71 -5.08 19.30 -13.04
CA ASN A 71 -3.64 19.48 -13.28
C ASN A 71 -2.80 18.83 -12.18
N ALA A 72 -3.32 18.75 -10.95
CA ALA A 72 -2.54 18.14 -9.85
C ALA A 72 -2.33 16.63 -9.99
N MSE A 73 -3.09 16.01 -10.87
N MSE A 73 -3.06 15.94 -10.85
CA MSE A 73 -3.12 14.60 -11.03
CA MSE A 73 -2.90 14.51 -10.99
C MSE A 73 -2.67 14.08 -12.39
C MSE A 73 -2.66 14.04 -12.42
O MSE A 73 -2.48 12.87 -12.55
O MSE A 73 -2.72 12.83 -12.68
CB MSE A 73 -4.58 14.15 -10.81
CB MSE A 73 -4.10 13.73 -10.40
CG MSE A 73 -5.22 14.61 -9.49
CG MSE A 73 -5.40 13.77 -11.25
SE MSE A 73 -7.07 13.95 -9.33
SE MSE A 73 -6.96 12.90 -10.40
CE MSE A 73 -6.68 12.20 -10.11
CE MSE A 73 -6.68 13.79 -8.73
N THR A 74 -2.43 14.98 -13.34
CA THR A 74 -2.32 14.65 -14.73
C THR A 74 -1.12 15.18 -15.44
N ARG A 75 -0.41 14.27 -16.11
CA ARG A 75 0.73 14.67 -16.91
C ARG A 75 0.46 14.44 -18.37
N ASP A 76 1.10 15.29 -19.19
CA ASP A 76 1.02 15.22 -20.63
C ASP A 76 1.81 14.05 -21.24
N GLY A 77 1.83 14.03 -22.55
CA GLY A 77 2.50 12.93 -23.26
C GLY A 77 4.01 12.92 -23.12
N GLN A 78 4.61 14.03 -22.70
CA GLN A 78 6.04 14.13 -22.43
C GLN A 78 6.40 13.83 -20.99
N GLY A 79 5.40 13.74 -20.11
CA GLY A 79 5.61 13.51 -18.71
C GLY A 79 5.54 14.74 -17.82
N HIS A 80 5.15 15.89 -18.39
CA HIS A 80 5.09 17.14 -17.61
C HIS A 80 3.64 17.40 -17.12
N TRP A 81 3.48 17.99 -15.93
CA TRP A 81 2.17 18.30 -15.40
C TRP A 81 1.40 19.24 -16.31
N LEU A 82 0.08 19.00 -16.43
CA LEU A 82 -0.77 19.86 -17.22
C LEU A 82 -0.80 21.22 -16.53
N THR A 83 -0.95 22.27 -17.34
CA THR A 83 -1.01 23.64 -16.84
C THR A 83 -2.23 24.28 -17.54
N GLY A 84 -2.71 25.37 -17.05
CA GLY A 84 -3.83 25.96 -17.82
C GLY A 84 -5.19 25.37 -17.46
N ALA A 85 -6.21 25.81 -18.22
CA ALA A 85 -7.59 25.43 -17.95
C ALA A 85 -7.81 23.95 -17.98
N GLU A 86 -8.65 23.44 -17.07
CA GLU A 86 -8.93 22.03 -17.03
C GLU A 86 -9.69 21.59 -18.25
N ARG A 87 -9.35 20.39 -18.72
CA ARG A 87 -10.00 19.84 -19.89
C ARG A 87 -11.25 19.05 -19.55
N GLN A 88 -12.29 19.27 -20.34
CA GLN A 88 -13.60 18.67 -20.11
C GLN A 88 -13.62 17.28 -20.71
N VAL A 89 -13.89 16.31 -19.86
CA VAL A 89 -13.83 14.90 -20.29
C VAL A 89 -14.84 14.58 -21.43
N ALA A 90 -16.03 15.14 -21.35
CA ALA A 90 -17.11 14.92 -22.33
C ALA A 90 -16.74 15.44 -23.73
N GLU A 91 -15.73 16.31 -23.80
CA GLU A 91 -15.23 16.85 -25.07
C GLU A 91 -13.97 16.16 -25.61
N MSE A 92 -13.49 15.13 -24.89
CA MSE A 92 -12.30 14.36 -25.27
C MSE A 92 -12.67 12.93 -25.61
O MSE A 92 -13.54 12.33 -24.96
CB MSE A 92 -11.30 14.28 -24.10
CG MSE A 92 -10.91 15.61 -23.60
SE MSE A 92 -9.74 15.50 -22.03
CE MSE A 92 -8.24 14.75 -22.94
N THR A 93 -12.00 12.37 -26.60
CA THR A 93 -12.17 10.97 -26.90
C THR A 93 -11.42 10.16 -25.87
N TYR A 94 -11.79 8.89 -25.71
CA TYR A 94 -11.08 8.04 -24.80
C TYR A 94 -9.59 7.95 -25.21
N ALA A 95 -9.31 7.89 -26.51
CA ALA A 95 -7.89 7.83 -26.96
C ALA A 95 -7.08 9.06 -26.51
N GLU A 96 -7.68 10.22 -26.57
CA GLU A 96 -7.03 11.46 -26.12
C GLU A 96 -6.77 11.41 -24.63
N ILE A 97 -7.72 10.87 -23.85
CA ILE A 97 -7.56 10.77 -22.42
C ILE A 97 -6.46 9.78 -22.08
N ARG A 98 -6.45 8.69 -22.82
CA ARG A 98 -5.53 7.59 -22.59
C ARG A 98 -4.08 8.01 -22.84
N ALA A 99 -3.86 9.07 -23.61
CA ALA A 99 -2.50 9.59 -23.87
C ALA A 99 -1.85 10.27 -22.65
N LEU A 100 -2.67 10.54 -21.63
CA LEU A 100 -2.21 11.20 -20.40
C LEU A 100 -1.83 10.26 -19.28
N ASP A 101 -1.08 10.80 -18.34
CA ASP A 101 -0.61 9.98 -17.21
C ASP A 101 -1.23 10.41 -15.88
N VAL A 102 -1.93 9.47 -15.21
CA VAL A 102 -2.60 9.71 -13.94
C VAL A 102 -1.96 8.82 -12.83
N GLY A 103 -0.69 8.47 -13.00
CA GLY A 103 -0.03 7.59 -12.02
C GLY A 103 0.46 8.21 -10.74
N GLY A 104 0.32 9.51 -10.58
CA GLY A 104 0.77 10.13 -9.35
C GLY A 104 0.21 11.50 -9.24
N LEU A 105 0.63 12.13 -8.16
CA LEU A 105 0.21 13.47 -7.84
C LEU A 105 1.41 14.43 -7.83
N ASP A 106 1.14 15.68 -8.15
CA ASP A 106 2.10 16.79 -8.09
C ASP A 106 2.23 17.25 -6.65
N GLY A 107 3.39 16.93 -6.04
CA GLY A 107 3.60 17.23 -4.62
C GLY A 107 3.72 18.72 -4.29
N ARG A 108 3.75 19.60 -5.31
CA ARG A 108 3.78 21.09 -5.11
C ARG A 108 2.43 21.66 -4.84
N THR A 109 1.39 20.86 -5.03
CA THR A 109 0.05 21.35 -5.03
C THR A 109 -0.70 21.06 -3.72
N VAL A 110 -1.79 21.79 -3.55
CA VAL A 110 -2.71 21.61 -2.39
C VAL A 110 -3.15 20.13 -2.35
N TYR A 111 -3.60 19.63 -3.48
CA TYR A 111 -4.11 18.29 -3.54
C TYR A 111 -3.00 17.28 -3.27
N GLY A 112 -1.80 17.49 -3.84
CA GLY A 112 -0.68 16.61 -3.60
C GLY A 112 -0.29 16.53 -2.12
N ARG A 113 -0.31 17.69 -1.46
CA ARG A 113 0.01 17.75 -0.05
C ARG A 113 -0.98 17.01 0.82
N ARG A 114 -2.21 16.79 0.35
N ARG A 114 -2.21 16.82 0.33
CA ARG A 114 -3.19 16.02 1.13
CA ARG A 114 -3.21 16.06 1.08
C ARG A 114 -2.88 14.52 1.14
C ARG A 114 -2.77 14.60 1.20
N PHE A 115 -2.09 14.06 0.17
CA PHE A 115 -1.73 12.64 0.09
C PHE A 115 -0.22 12.50 -0.21
N PRO A 116 0.62 12.88 0.78
CA PRO A 116 2.07 12.94 0.58
C PRO A 116 2.78 11.58 0.53
N ASP A 117 2.08 10.56 0.97
CA ASP A 117 2.64 9.24 1.07
C ASP A 117 2.22 8.28 -0.03
N GLN A 118 1.46 8.79 -1.00
CA GLN A 118 0.97 8.01 -2.10
C GLN A 118 2.13 7.68 -3.02
N ALA A 119 2.23 6.44 -3.44
CA ALA A 119 3.22 6.01 -4.40
C ALA A 119 3.14 6.83 -5.67
N PHE A 120 4.29 6.97 -6.32
CA PHE A 120 4.36 7.81 -7.52
C PHE A 120 4.72 6.93 -8.68
N LEU A 121 3.71 6.65 -9.51
N LEU A 121 3.72 6.59 -9.49
CA LEU A 121 3.81 5.77 -10.63
CA LEU A 121 3.93 5.75 -10.65
C LEU A 121 3.79 6.56 -11.94
C LEU A 121 3.93 6.60 -11.90
N THR A 122 4.40 5.98 -12.98
CA THR A 122 4.47 6.57 -14.32
C THR A 122 3.99 5.52 -15.32
N GLY A 123 3.27 6.00 -16.32
CA GLY A 123 2.73 5.15 -17.37
C GLY A 123 1.37 4.56 -17.06
N ILE A 124 0.61 5.25 -16.22
CA ILE A 124 -0.70 4.80 -15.78
C ILE A 124 -1.78 5.62 -16.43
N HIS A 125 -2.71 4.97 -17.10
CA HIS A 125 -3.78 5.74 -17.76
C HIS A 125 -5.10 5.49 -17.10
N VAL A 126 -6.00 6.42 -17.34
CA VAL A 126 -7.37 6.35 -16.87
C VAL A 126 -8.02 5.09 -17.45
N PRO A 127 -8.54 4.24 -16.57
CA PRO A 127 -9.09 3.00 -17.11
C PRO A 127 -10.56 3.13 -17.52
N ARG A 128 -10.97 2.30 -18.46
N ARG A 128 -10.97 2.31 -18.46
CA ARG A 128 -12.37 2.16 -18.81
CA ARG A 128 -12.36 2.20 -18.83
C ARG A 128 -13.10 1.50 -17.65
C ARG A 128 -13.10 1.49 -17.68
N LEU A 129 -14.38 1.80 -17.48
CA LEU A 129 -15.19 1.11 -16.47
C LEU A 129 -15.15 -0.41 -16.70
N GLY A 130 -15.21 -0.80 -17.97
CA GLY A 130 -15.17 -2.22 -18.36
C GLY A 130 -13.93 -2.92 -17.86
N GLU A 131 -12.80 -2.21 -17.90
CA GLU A 131 -11.54 -2.76 -17.42
C GLU A 131 -11.55 -2.98 -15.94
N LEU A 132 -12.10 -2.05 -15.19
CA LEU A 132 -12.23 -2.23 -13.77
C LEU A 132 -13.17 -3.39 -13.46
N LEU A 133 -14.27 -3.50 -14.19
CA LEU A 133 -15.21 -4.58 -13.88
C LEU A 133 -14.62 -5.94 -14.23
N ASP A 134 -13.84 -6.02 -15.32
CA ASP A 134 -13.13 -7.25 -15.68
C ASP A 134 -12.16 -7.68 -14.55
N LEU A 135 -11.40 -6.71 -14.07
CA LEU A 135 -10.49 -6.95 -12.96
C LEU A 135 -11.26 -7.48 -11.74
N CYS A 136 -12.34 -6.82 -11.38
CA CYS A 136 -13.11 -7.22 -10.18
C CYS A 136 -13.75 -8.62 -10.35
N ALA A 137 -14.32 -8.86 -11.51
CA ALA A 137 -14.99 -10.15 -11.78
C ALA A 137 -14.00 -11.32 -11.69
N GLY A 138 -12.74 -11.07 -12.03
CA GLY A 138 -11.68 -12.06 -11.92
C GLY A 138 -11.42 -12.63 -10.53
N TYR A 139 -11.84 -11.92 -9.48
CA TYR A 139 -11.66 -12.41 -8.10
C TYR A 139 -12.77 -13.42 -7.73
N GLY A 140 -13.75 -13.61 -8.61
CA GLY A 140 -14.82 -14.60 -8.39
C GLY A 140 -15.65 -14.33 -7.15
N ASP A 141 -15.72 -15.31 -6.26
CA ASP A 141 -16.46 -15.15 -5.03
C ASP A 141 -15.84 -14.09 -4.15
N GLN A 142 -14.57 -13.75 -4.37
CA GLN A 142 -13.92 -12.68 -3.61
C GLN A 142 -14.05 -11.31 -4.31
N ALA A 143 -14.89 -11.21 -5.35
CA ALA A 143 -15.12 -9.90 -6.00
C ALA A 143 -15.66 -8.92 -4.97
N PRO A 144 -15.19 -7.67 -5.00
CA PRO A 144 -15.69 -6.71 -4.03
C PRO A 144 -17.08 -6.17 -4.33
N TYR A 145 -17.67 -5.57 -3.32
CA TYR A 145 -18.90 -4.83 -3.48
C TYR A 145 -18.46 -3.50 -4.11
N LEU A 146 -19.28 -2.95 -4.98
CA LEU A 146 -18.95 -1.73 -5.71
C LEU A 146 -19.96 -0.61 -5.46
N LEU A 147 -19.46 0.53 -5.00
CA LEU A 147 -20.22 1.73 -4.81
C LEU A 147 -19.80 2.57 -6.02
N LEU A 148 -20.61 2.49 -7.09
CA LEU A 148 -20.30 3.08 -8.38
C LEU A 148 -20.91 4.47 -8.45
N GLU A 149 -20.05 5.47 -8.30
CA GLU A 149 -20.51 6.87 -8.28
C GLU A 149 -20.66 7.37 -9.72
N LEU A 150 -21.91 7.60 -10.13
CA LEU A 150 -22.16 8.23 -11.41
C LEU A 150 -21.96 9.74 -11.25
N LYS A 151 -21.00 10.30 -12.00
CA LYS A 151 -20.60 11.73 -11.94
C LYS A 151 -21.08 12.35 -13.23
N SER A 152 -22.22 13.01 -13.13
CA SER A 152 -22.78 13.71 -14.28
C SER A 152 -22.03 15.05 -14.51
N ASP A 153 -22.08 15.52 -15.74
CA ASP A 153 -21.44 16.77 -16.15
C ASP A 153 -22.59 17.74 -16.23
N PRO A 154 -22.51 18.86 -15.50
CA PRO A 154 -23.63 19.83 -15.53
C PRO A 154 -23.98 20.38 -16.93
N ALA A 155 -23.06 20.24 -17.91
CA ALA A 155 -23.33 20.67 -19.28
C ALA A 155 -24.49 19.89 -19.94
N LEU A 156 -24.78 18.68 -19.47
CA LEU A 156 -25.89 17.88 -19.96
C LEU A 156 -27.17 18.06 -19.16
N MSE A 157 -27.19 19.02 -18.23
CA MSE A 157 -28.36 19.16 -17.34
C MSE A 157 -29.74 19.33 -18.03
O MSE A 157 -30.76 19.08 -17.42
CB MSE A 157 -28.15 20.28 -16.33
CG MSE A 157 -28.16 21.67 -16.90
SE MSE A 157 -28.76 22.88 -15.50
CE MSE A 157 -30.64 22.28 -15.40
N HIS A 158 -29.75 19.78 -19.28
CA HIS A 158 -30.99 19.88 -20.03
C HIS A 158 -31.06 18.83 -21.13
N ASP A 159 -30.08 17.92 -21.19
CA ASP A 159 -30.01 16.86 -22.21
C ASP A 159 -30.42 15.53 -21.55
N HIS A 160 -31.72 15.38 -21.40
CA HIS A 160 -32.27 14.21 -20.72
C HIS A 160 -31.89 12.92 -21.43
N ALA A 161 -31.89 12.92 -22.77
CA ALA A 161 -31.48 11.75 -23.55
C ALA A 161 -30.03 11.35 -23.26
N ALA A 162 -29.11 12.32 -23.27
CA ALA A 162 -27.71 12.06 -22.94
C ALA A 162 -27.54 11.52 -21.53
N ARG A 163 -28.27 12.07 -20.58
CA ARG A 163 -28.19 11.58 -19.20
C ARG A 163 -28.68 10.11 -19.11
N ALA A 164 -29.75 9.79 -19.83
CA ALA A 164 -30.29 8.42 -19.86
C ALA A 164 -29.28 7.49 -20.55
N GLU A 165 -28.60 8.03 -21.56
CA GLU A 165 -27.57 7.29 -22.29
C GLU A 165 -26.39 6.93 -21.36
N MSE A 166 -26.05 7.85 -20.48
CA MSE A 166 -24.96 7.58 -19.50
C MSE A 166 -25.32 6.36 -18.66
O MSE A 166 -24.55 5.42 -18.52
CB MSE A 166 -24.72 8.78 -18.59
CG MSE A 166 -23.83 8.42 -17.38
SE MSE A 166 -23.20 9.95 -16.44
CE MSE A 166 -21.75 9.01 -15.75
N VAL A 167 -26.53 6.40 -18.11
CA VAL A 167 -27.01 5.32 -17.29
C VAL A 167 -27.00 4.00 -18.08
N ALA A 168 -27.47 4.03 -19.30
CA ALA A 168 -27.53 2.81 -20.11
C ALA A 168 -26.13 2.24 -20.41
N ALA A 169 -25.19 3.14 -20.67
CA ALA A 169 -23.83 2.77 -20.97
C ALA A 169 -23.14 2.12 -19.75
N VAL A 170 -23.32 2.73 -18.58
CA VAL A 170 -22.80 2.17 -17.34
C VAL A 170 -23.42 0.79 -17.10
N LEU A 171 -24.72 0.67 -17.29
CA LEU A 171 -25.39 -0.64 -17.07
C LEU A 171 -24.95 -1.72 -18.05
N ALA A 172 -24.71 -1.35 -19.29
CA ALA A 172 -24.23 -2.29 -20.31
C ALA A 172 -22.92 -2.90 -19.85
N ASP A 173 -22.04 -2.08 -19.28
CA ASP A 173 -20.77 -2.59 -18.74
C ASP A 173 -20.99 -3.51 -17.56
N VAL A 174 -21.83 -3.09 -16.61
CA VAL A 174 -22.12 -3.88 -15.41
C VAL A 174 -22.66 -5.26 -15.82
N ARG A 175 -23.59 -5.25 -16.78
CA ARG A 175 -24.20 -6.48 -17.29
C ARG A 175 -23.21 -7.38 -18.04
N ARG A 176 -22.36 -6.78 -18.88
CA ARG A 176 -21.35 -7.53 -19.66
C ARG A 176 -20.45 -8.38 -18.76
N TYR A 177 -20.08 -7.83 -17.59
CA TYR A 177 -19.22 -8.51 -16.64
C TYR A 177 -19.97 -9.19 -15.48
N ARG A 178 -21.29 -9.29 -15.58
CA ARG A 178 -22.11 -9.99 -14.59
C ARG A 178 -21.85 -9.47 -13.17
N MSE A 179 -21.70 -8.14 -13.07
CA MSE A 179 -21.44 -7.54 -11.79
C MSE A 179 -22.68 -7.02 -11.09
O MSE A 179 -22.58 -6.33 -10.05
CB MSE A 179 -20.35 -6.46 -11.95
CG MSE A 179 -18.95 -7.01 -12.06
SE MSE A 179 -18.29 -7.94 -10.51
CE MSE A 179 -18.78 -9.81 -10.85
N GLU A 180 -23.88 -7.36 -11.59
CA GLU A 180 -25.09 -6.94 -10.90
C GLU A 180 -25.12 -7.33 -9.41
N PRO A 181 -24.66 -8.55 -9.04
CA PRO A 181 -24.75 -8.92 -7.61
C PRO A 181 -23.88 -8.16 -6.65
N ARG A 182 -22.96 -7.35 -7.19
CA ARG A 182 -22.06 -6.54 -6.37
C ARG A 182 -22.19 -5.05 -6.55
N THR A 183 -23.04 -4.58 -7.45
CA THR A 183 -23.08 -3.17 -7.79
C THR A 183 -24.23 -2.36 -7.18
N VAL A 184 -23.83 -1.19 -6.67
CA VAL A 184 -24.73 -0.21 -6.12
C VAL A 184 -24.57 1.07 -6.90
N MSE A 185 -25.68 1.62 -7.38
CA MSE A 185 -25.68 2.86 -8.14
C MSE A 185 -25.74 4.04 -7.16
O MSE A 185 -26.66 4.15 -6.39
CB MSE A 185 -26.83 2.81 -9.14
CG MSE A 185 -26.74 1.61 -10.09
SE MSE A 185 -25.32 1.65 -11.39
CE MSE A 185 -26.24 2.55 -12.78
N HIS A 186 -24.75 4.92 -7.23
CA HIS A 186 -24.44 5.91 -6.19
C HIS A 186 -24.23 7.28 -6.80
N SER A 187 -24.82 8.34 -6.23
CA SER A 187 -24.65 9.66 -6.81
C SER A 187 -25.13 10.81 -5.96
N PHE A 188 -24.54 11.95 -6.25
CA PHE A 188 -25.06 13.22 -5.78
C PHE A 188 -26.25 13.64 -6.63
N ASP A 189 -26.32 13.14 -7.86
CA ASP A 189 -27.38 13.52 -8.85
C ASP A 189 -28.57 12.62 -8.57
N TRP A 190 -29.47 13.08 -7.72
CA TRP A 190 -30.58 12.32 -7.26
C TRP A 190 -31.57 12.04 -8.40
N ALA A 191 -31.69 12.97 -9.35
CA ALA A 191 -32.58 12.74 -10.46
C ALA A 191 -32.05 11.57 -11.27
N LEU A 192 -30.73 11.51 -11.44
CA LEU A 192 -30.07 10.43 -12.16
C LEU A 192 -30.32 9.08 -11.48
N LEU A 193 -30.40 9.06 -10.14
CA LEU A 193 -30.68 7.82 -9.42
C LEU A 193 -32.11 7.35 -9.74
N GLY A 194 -33.04 8.26 -9.98
CA GLY A 194 -34.37 7.88 -10.42
C GLY A 194 -34.32 7.17 -11.75
N GLU A 195 -33.47 7.65 -12.65
CA GLU A 195 -33.27 7.05 -13.96
C GLU A 195 -32.59 5.68 -13.81
N CYS A 196 -31.63 5.55 -12.91
CA CYS A 196 -31.01 4.24 -12.66
C CYS A 196 -32.07 3.19 -12.26
N ARG A 197 -32.96 3.58 -11.35
CA ARG A 197 -33.96 2.70 -10.80
C ARG A 197 -34.93 2.27 -11.89
N ARG A 198 -35.26 3.19 -12.80
CA ARG A 198 -36.12 2.81 -13.91
C ARG A 198 -35.43 1.89 -14.90
N GLN A 199 -34.14 2.10 -15.16
CA GLN A 199 -33.42 1.20 -16.07
C GLN A 199 -32.89 -0.11 -15.43
N ALA A 200 -32.75 -0.14 -14.11
CA ALA A 200 -32.15 -1.28 -13.39
C ALA A 200 -32.71 -1.37 -11.98
N PRO A 201 -34.01 -1.72 -11.85
CA PRO A 201 -34.61 -1.78 -10.53
C PRO A 201 -33.99 -2.85 -9.64
N ASP A 202 -33.23 -3.75 -10.24
CA ASP A 202 -32.52 -4.79 -9.52
C ASP A 202 -31.30 -4.28 -8.78
N LEU A 203 -30.79 -3.07 -9.11
CA LEU A 203 -29.60 -2.51 -8.47
C LEU A 203 -30.03 -1.46 -7.47
N PRO A 204 -29.57 -1.58 -6.21
CA PRO A 204 -29.97 -0.58 -5.26
C PRO A 204 -29.32 0.78 -5.59
N THR A 205 -29.94 1.85 -5.07
CA THR A 205 -29.53 3.21 -5.28
C THR A 205 -29.05 3.79 -3.94
N SER A 206 -28.00 4.60 -4.04
CA SER A 206 -27.33 5.21 -2.89
C SER A 206 -27.17 6.72 -3.10
N TYR A 207 -27.66 7.48 -2.13
CA TYR A 207 -27.83 8.94 -2.21
C TYR A 207 -26.78 9.69 -1.39
N LEU A 208 -25.84 10.32 -2.07
CA LEU A 208 -24.83 11.14 -1.46
C LEU A 208 -25.46 12.44 -1.01
N SER A 209 -24.96 12.97 0.09
CA SER A 209 -25.34 14.32 0.54
C SER A 209 -24.13 14.98 1.21
N GLN A 210 -24.09 16.29 1.13
CA GLN A 210 -23.07 17.09 1.80
C GLN A 210 -23.66 18.50 2.04
N LEU A 211 -23.76 18.92 3.30
CA LEU A 211 -24.37 20.22 3.62
C LEU A 211 -23.44 21.32 3.21
N PRO A 212 -24.02 22.46 2.77
CA PRO A 212 -23.20 23.60 2.38
C PRO A 212 -22.39 24.09 3.55
N GLU A 213 -23.03 24.10 4.74
CA GLU A 213 -22.42 24.50 6.00
C GLU A 213 -21.11 23.75 6.28
N GLY A 227 -28.41 17.88 -6.50
CA GLY A 227 -28.90 17.32 -5.24
C GLY A 227 -30.12 18.06 -4.72
N PRO A 228 -30.49 17.85 -3.44
CA PRO A 228 -31.66 18.55 -2.88
C PRO A 228 -31.37 20.02 -2.54
N ASP A 229 -32.44 20.80 -2.29
CA ASP A 229 -32.31 22.20 -1.88
C ASP A 229 -32.19 22.18 -0.36
N TYR A 230 -30.94 22.11 0.09
CA TYR A 230 -30.63 22.06 1.54
C TYR A 230 -31.27 23.23 2.34
N ASP A 231 -31.37 24.41 1.72
CA ASP A 231 -31.98 25.60 2.34
C ASP A 231 -33.50 25.56 2.31
N ARG A 232 -34.06 24.97 1.26
CA ARG A 232 -35.51 24.91 1.04
C ARG A 232 -36.23 23.68 1.64
N MSE A 233 -35.59 22.50 1.67
CA MSE A 233 -36.27 21.27 2.16
C MSE A 233 -36.77 21.36 3.61
O MSE A 233 -36.22 22.08 4.46
CB MSE A 233 -35.41 20.01 1.98
CG MSE A 233 -34.10 19.99 2.71
SE MSE A 233 -32.99 18.51 2.10
CE MSE A 233 -34.04 16.95 2.68
N THR A 234 -37.86 20.63 3.86
CA THR A 234 -38.55 20.61 5.16
C THR A 234 -38.50 19.24 5.85
N GLU A 235 -38.13 18.18 5.11
CA GLU A 235 -37.98 16.85 5.68
C GLU A 235 -36.50 16.62 5.88
N SER A 236 -36.16 15.60 6.66
CA SER A 236 -34.75 15.28 6.91
C SER A 236 -34.14 14.61 5.70
N LEU A 237 -32.81 14.60 5.64
CA LEU A 237 -32.12 13.93 4.56
C LEU A 237 -32.53 12.43 4.52
N PRO A 238 -32.48 11.70 5.66
CA PRO A 238 -32.93 10.31 5.64
C PRO A 238 -34.33 10.12 5.11
N GLN A 239 -35.26 11.00 5.53
CA GLN A 239 -36.63 10.91 5.04
C GLN A 239 -36.65 11.18 3.55
N ALA A 240 -35.94 12.20 3.08
CA ALA A 240 -35.91 12.54 1.67
C ALA A 240 -35.41 11.38 0.82
N VAL A 241 -34.37 10.70 1.31
CA VAL A 241 -33.80 9.55 0.60
C VAL A 241 -34.76 8.35 0.61
N ALA A 242 -35.34 8.02 1.76
CA ALA A 242 -36.31 6.91 1.83
C ALA A 242 -37.49 7.22 0.89
N SER A 243 -37.98 8.46 0.95
CA SER A 243 -39.11 8.87 0.07
C SER A 243 -38.77 8.81 -1.42
N ALA A 244 -37.52 9.11 -1.80
CA ALA A 244 -37.07 9.04 -3.18
C ALA A 244 -36.95 7.58 -3.68
N GLY A 245 -36.89 6.63 -2.76
CA GLY A 245 -36.79 5.20 -3.07
C GLY A 245 -35.38 4.64 -2.95
N GLY A 246 -34.49 5.36 -2.26
CA GLY A 246 -33.11 4.88 -2.07
C GLY A 246 -32.98 3.82 -1.00
N GLN A 247 -31.92 3.01 -1.12
CA GLN A 247 -31.57 1.99 -0.13
C GLN A 247 -30.46 2.46 0.82
N LEU A 248 -29.61 3.38 0.37
CA LEU A 248 -28.49 3.91 1.18
C LEU A 248 -28.52 5.44 1.20
N TRP A 249 -28.11 5.97 2.34
CA TRP A 249 -27.90 7.40 2.51
C TRP A 249 -26.44 7.54 2.84
N CYS A 250 -25.73 8.37 2.11
CA CYS A 250 -24.28 8.53 2.26
C CYS A 250 -23.90 9.95 2.52
N PRO A 251 -24.06 10.39 3.76
CA PRO A 251 -23.69 11.74 4.14
C PRO A 251 -22.23 11.96 4.42
N TYR A 252 -21.77 13.16 4.11
CA TYR A 252 -20.42 13.58 4.43
C TYR A 252 -20.29 13.49 5.98
N PHE A 253 -19.13 13.07 6.44
CA PHE A 253 -19.01 12.73 7.87
C PHE A 253 -19.25 13.89 8.83
N LEU A 254 -18.96 15.12 8.44
CA LEU A 254 -19.24 16.27 9.36
C LEU A 254 -20.70 16.51 9.53
N ASP A 255 -21.53 15.88 8.69
CA ASP A 255 -22.97 16.09 8.77
C ASP A 255 -23.68 15.02 9.57
N VAL A 256 -22.94 14.02 10.05
CA VAL A 256 -23.51 12.89 10.72
C VAL A 256 -23.65 13.09 12.23
N THR A 257 -24.76 12.63 12.77
CA THR A 257 -25.02 12.61 14.21
C THR A 257 -25.60 11.23 14.47
N PRO A 258 -25.51 10.73 15.71
CA PRO A 258 -26.07 9.38 15.94
C PRO A 258 -27.59 9.32 15.80
N GLU A 259 -28.24 10.43 16.08
CA GLU A 259 -29.69 10.56 15.96
C GLU A 259 -30.07 10.46 14.47
N LEU A 260 -29.33 11.16 13.58
CA LEU A 260 -29.60 11.06 12.14
C LEU A 260 -29.35 9.63 11.66
N VAL A 261 -28.30 8.96 12.14
CA VAL A 261 -28.03 7.57 11.76
C VAL A 261 -29.14 6.64 12.24
N ALA A 262 -29.58 6.80 13.49
CA ALA A 262 -30.69 5.97 13.97
C ALA A 262 -32.01 6.28 13.22
N GLU A 263 -32.26 7.56 12.90
CA GLU A 263 -33.44 7.90 12.10
C GLU A 263 -33.42 7.17 10.74
N ALA A 264 -32.25 7.17 10.13
CA ALA A 264 -32.05 6.47 8.85
C ALA A 264 -32.25 4.96 9.03
N HIS A 265 -31.71 4.35 10.07
CA HIS A 265 -31.91 2.92 10.32
C HIS A 265 -33.37 2.56 10.57
N ASP A 266 -34.05 3.42 11.32
CA ASP A 266 -35.48 3.28 11.54
C ASP A 266 -36.27 3.28 10.21
N LEU A 267 -35.82 4.06 9.23
CA LEU A 267 -36.44 4.12 7.90
C LEU A 267 -36.00 2.96 7.00
N GLY A 268 -35.16 2.07 7.52
CA GLY A 268 -34.68 0.90 6.78
C GLY A 268 -33.47 1.16 5.86
N LEU A 269 -32.80 2.30 6.02
CA LEU A 269 -31.67 2.65 5.14
C LEU A 269 -30.36 2.18 5.70
N ILE A 270 -29.40 1.98 4.81
CA ILE A 270 -28.00 1.68 5.18
C ILE A 270 -27.29 3.06 5.13
N VAL A 271 -26.36 3.34 6.07
CA VAL A 271 -25.69 4.61 6.13
C VAL A 271 -24.18 4.37 5.98
N LEU A 272 -23.63 4.94 4.93
CA LEU A 272 -22.18 4.86 4.66
C LEU A 272 -21.68 6.29 4.70
N THR A 273 -20.75 6.60 5.57
CA THR A 273 -20.23 7.96 5.62
C THR A 273 -18.85 8.06 4.95
N TRP A 274 -18.51 9.27 4.49
CA TRP A 274 -17.34 9.52 3.65
C TRP A 274 -16.83 10.92 3.84
N THR A 275 -15.55 11.25 3.55
CA THR A 275 -14.41 10.37 3.29
C THR A 275 -13.63 10.56 4.61
N VAL A 276 -13.53 9.49 5.38
CA VAL A 276 -13.10 9.64 6.79
C VAL A 276 -11.68 9.15 6.90
N ASN A 277 -10.76 10.05 7.25
CA ASN A 277 -9.34 9.76 7.26
C ASN A 277 -8.64 10.00 8.59
N GLU A 278 -9.03 11.01 9.35
CA GLU A 278 -8.29 11.25 10.60
C GLU A 278 -8.73 10.25 11.66
N PRO A 279 -7.79 9.77 12.47
CA PRO A 279 -8.12 8.75 13.46
C PRO A 279 -9.27 9.06 14.39
N GLU A 280 -9.34 10.28 14.93
N GLU A 280 -9.35 10.28 14.86
CA GLU A 280 -10.44 10.64 15.82
CA GLU A 280 -10.43 10.69 15.74
C GLU A 280 -11.79 10.66 15.08
C GLU A 280 -11.77 10.58 15.04
N ASP A 281 -11.79 10.96 13.78
CA ASP A 281 -13.02 10.97 12.95
C ASP A 281 -13.45 9.54 12.65
N ILE A 282 -12.48 8.70 12.34
CA ILE A 282 -12.80 7.25 12.09
C ILE A 282 -13.43 6.64 13.32
N ARG A 283 -12.79 6.87 14.47
CA ARG A 283 -13.31 6.38 15.73
C ARG A 283 -14.71 6.92 16.05
N ARG A 284 -14.92 8.22 15.88
CA ARG A 284 -16.23 8.84 16.17
C ARG A 284 -17.31 8.26 15.26
N MSE A 285 -16.98 8.05 13.96
CA MSE A 285 -17.96 7.51 13.03
C MSE A 285 -18.32 6.05 13.40
O MSE A 285 -19.48 5.70 13.38
CB MSE A 285 -17.53 7.59 11.56
CG MSE A 285 -17.47 8.94 10.98
SE MSE A 285 -19.18 9.92 11.08
CE MSE A 285 -18.95 10.82 12.74
N ALA A 286 -17.32 5.25 13.74
CA ALA A 286 -17.60 3.89 14.20
C ALA A 286 -18.57 3.91 15.41
N THR A 287 -18.46 4.88 16.30
N THR A 287 -18.29 4.74 16.40
CA THR A 287 -19.39 4.96 17.43
CA THR A 287 -19.12 4.84 17.61
C THR A 287 -20.78 5.54 17.11
C THR A 287 -20.57 5.23 17.34
N THR A 288 -20.97 6.20 15.96
N THR A 288 -20.75 6.02 16.28
CA THR A 288 -22.29 6.64 15.63
CA THR A 288 -22.05 6.53 15.86
C THR A 288 -23.12 5.43 15.22
C THR A 288 -23.00 5.50 15.19
N GLY A 289 -22.47 4.33 14.88
CA GLY A 289 -23.28 3.22 14.41
C GLY A 289 -23.49 3.16 12.88
N VAL A 290 -22.74 3.94 12.10
CA VAL A 290 -22.85 3.86 10.65
C VAL A 290 -22.56 2.43 10.24
N ASP A 291 -23.14 2.05 9.11
CA ASP A 291 -22.93 0.72 8.55
C ASP A 291 -21.53 0.59 7.97
N GLY A 292 -20.99 1.69 7.45
CA GLY A 292 -19.69 1.64 6.81
C GLY A 292 -19.04 3.00 6.68
N ILE A 293 -17.72 2.95 6.48
CA ILE A 293 -16.85 4.10 6.33
C ILE A 293 -16.06 4.04 5.05
N VAL A 294 -16.23 5.07 4.21
CA VAL A 294 -15.48 5.26 3.01
C VAL A 294 -14.26 6.08 3.43
N THR A 295 -13.08 5.54 3.09
CA THR A 295 -11.81 6.10 3.53
C THR A 295 -10.71 6.06 2.44
N ASP A 296 -9.84 7.09 2.45
CA ASP A 296 -8.63 7.10 1.67
C ASP A 296 -7.49 6.22 2.25
N TYR A 297 -7.68 5.79 3.53
CA TYR A 297 -6.67 5.06 4.29
C TYR A 297 -7.27 3.79 4.88
N PRO A 298 -7.47 2.78 4.04
CA PRO A 298 -8.14 1.55 4.58
C PRO A 298 -7.35 0.88 5.71
N GLY A 299 -6.02 0.80 5.64
CA GLY A 299 -5.28 0.16 6.72
C GLY A 299 -5.49 0.89 8.04
N ARG A 300 -5.39 2.22 8.03
CA ARG A 300 -5.62 3.04 9.21
C ARG A 300 -6.97 2.74 9.82
N THR A 301 -7.98 2.66 8.94
CA THR A 301 -9.37 2.38 9.34
C THR A 301 -9.50 0.99 9.92
N GLN A 302 -8.94 0.00 9.23
CA GLN A 302 -8.92 -1.37 9.75
C GLN A 302 -8.34 -1.42 11.15
N ARG A 303 -7.18 -0.78 11.35
CA ARG A 303 -6.52 -0.83 12.66
C ARG A 303 -7.34 -0.20 13.79
N ILE A 304 -8.04 0.84 13.47
CA ILE A 304 -8.93 1.49 14.46
C ILE A 304 -10.12 0.58 14.76
N LEU A 305 -10.68 -0.07 13.74
CA LEU A 305 -11.78 -1.03 14.00
C LEU A 305 -11.31 -2.20 14.85
N ILE A 306 -10.14 -2.75 14.53
CA ILE A 306 -9.60 -3.82 15.36
C ILE A 306 -9.34 -3.36 16.81
N ASP A 307 -8.81 -2.16 16.98
CA ASP A 307 -8.59 -1.60 18.30
C ASP A 307 -9.91 -1.47 19.11
N MSE A 308 -11.00 -1.26 18.39
CA MSE A 308 -12.36 -1.17 18.96
C MSE A 308 -13.06 -2.51 19.06
O MSE A 308 -14.23 -2.58 19.46
CB MSE A 308 -13.26 -0.21 18.10
CG MSE A 308 -12.69 1.17 18.09
SE MSE A 308 -13.64 2.39 16.96
CE MSE A 308 -15.30 2.62 17.95
N GLY A 309 -12.36 -3.60 18.78
CA GLY A 309 -12.94 -4.93 18.85
C GLY A 309 -13.90 -5.29 17.75
N LEU A 310 -13.91 -4.52 16.66
CA LEU A 310 -14.83 -4.69 15.56
C LEU A 310 -14.07 -5.35 14.38
N SER A 311 -14.83 -5.64 13.32
N SER A 311 -14.86 -5.69 13.35
CA SER A 311 -14.22 -6.16 12.10
CA SER A 311 -14.37 -6.31 12.13
C SER A 311 -15.04 -5.61 10.94
C SER A 311 -15.01 -5.58 10.95
N TRP A 312 -14.64 -5.95 9.73
CA TRP A 312 -15.29 -5.41 8.49
C TRP A 312 -15.82 -6.46 7.58
N THR A 313 -15.83 -7.67 8.15
N THR A 313 -15.41 -7.70 7.74
CA THR A 313 -16.39 -8.89 7.61
CA THR A 313 -15.79 -8.73 6.74
C THR A 313 -17.07 -9.68 8.77
C THR A 313 -17.16 -9.33 6.99
N GLY B 4 32.59 -6.25 -13.11
CA GLY B 4 32.59 -6.38 -11.62
C GLY B 4 31.35 -7.10 -11.13
N PHE B 5 30.65 -6.50 -10.17
CA PHE B 5 29.42 -7.05 -9.60
C PHE B 5 28.21 -6.36 -10.23
N SER B 6 27.54 -7.01 -11.17
CA SER B 6 26.38 -6.40 -11.86
C SER B 6 25.17 -6.19 -10.94
N GLN B 7 25.15 -6.90 -9.80
CA GLN B 7 24.09 -6.73 -8.80
C GLN B 7 24.07 -5.26 -8.32
N LEU B 8 25.22 -4.58 -8.39
CA LEU B 8 25.33 -3.21 -7.90
C LEU B 8 24.61 -2.16 -8.79
N GLU B 9 24.37 -2.51 -10.05
N GLU B 9 24.39 -2.53 -10.04
CA GLU B 9 23.70 -1.61 -10.97
CA GLU B 9 23.64 -1.70 -10.97
C GLU B 9 22.36 -1.08 -10.43
C GLU B 9 22.43 -1.06 -10.34
N GLY B 10 21.62 -1.88 -9.65
CA GLY B 10 20.37 -1.39 -9.07
C GLY B 10 20.47 -0.59 -7.79
N LEU B 11 21.68 -0.52 -7.25
CA LEU B 11 21.91 0.13 -5.98
C LEU B 11 22.83 1.34 -6.07
N ARG B 12 23.50 1.53 -7.21
N ARG B 12 23.48 1.53 -7.22
CA ARG B 12 24.41 2.66 -7.43
CA ARG B 12 24.37 2.65 -7.45
C ARG B 12 23.62 3.92 -7.76
C ARG B 12 23.57 3.91 -7.73
N GLY B 13 23.94 5.00 -7.07
CA GLY B 13 23.33 6.28 -7.29
C GLY B 13 24.10 7.07 -8.32
N HIS B 14 23.54 8.22 -8.63
CA HIS B 14 24.08 9.16 -9.61
C HIS B 14 23.76 10.56 -9.08
N PRO B 15 24.29 11.59 -9.73
CA PRO B 15 24.03 12.97 -9.26
C PRO B 15 22.53 13.30 -9.03
N SER B 16 21.68 12.80 -9.90
N SER B 16 21.66 12.82 -9.90
CA SER B 16 20.23 13.01 -9.81
CA SER B 16 20.21 13.02 -9.69
C SER B 16 19.42 11.77 -9.41
C SER B 16 19.41 11.72 -9.54
N VAL B 17 20.08 10.68 -9.05
CA VAL B 17 19.42 9.39 -8.76
C VAL B 17 19.77 8.92 -7.33
N VAL B 18 18.74 8.74 -6.51
CA VAL B 18 18.86 8.16 -5.19
C VAL B 18 17.90 6.92 -5.21
N ARG B 19 18.44 5.72 -4.98
CA ARG B 19 17.65 4.52 -5.00
C ARG B 19 16.73 4.45 -3.79
N VAL B 20 15.59 3.77 -3.96
CA VAL B 20 14.61 3.58 -2.88
C VAL B 20 14.55 2.07 -2.59
N ILE B 21 14.90 1.71 -1.36
CA ILE B 21 14.88 0.32 -0.93
C ILE B 21 13.78 0.13 0.08
N GLY B 22 12.90 -0.84 -0.18
CA GLY B 22 11.74 -1.04 0.74
C GLY B 22 12.15 -1.89 1.92
N HIS B 23 12.03 -1.30 3.09
CA HIS B 23 12.45 -1.95 4.32
C HIS B 23 11.48 -3.05 4.74
N ARG B 24 11.92 -4.30 4.70
CA ARG B 24 11.03 -5.46 4.98
C ARG B 24 9.86 -5.46 4.00
N GLY B 25 10.08 -4.93 2.79
CA GLY B 25 9.03 -4.65 1.86
C GLY B 25 8.59 -3.19 2.09
N ALA B 26 7.50 -2.97 2.82
CA ALA B 26 7.03 -1.65 3.15
C ALA B 26 6.26 -1.70 4.49
N ARG B 27 7.04 -1.79 5.57
CA ARG B 27 6.50 -2.00 6.90
C ARG B 27 5.52 -0.95 7.32
N GLY B 28 5.67 0.25 6.80
CA GLY B 28 4.72 1.30 7.12
C GLY B 28 3.33 1.16 6.55
N VAL B 29 3.19 0.34 5.52
CA VAL B 29 1.94 0.13 4.75
C VAL B 29 1.32 -1.27 4.85
N MSE B 30 2.19 -2.29 4.85
CA MSE B 30 1.80 -3.66 4.91
C MSE B 30 2.60 -4.42 5.92
O MSE B 30 3.74 -4.06 6.19
CB MSE B 30 2.05 -4.26 3.51
CG MSE B 30 1.08 -3.74 2.44
SE MSE B 30 -0.70 -4.31 2.56
CE MSE B 30 -0.60 -5.95 1.66
N PRO B 31 2.04 -5.51 6.48
CA PRO B 31 2.81 -6.31 7.44
C PRO B 31 4.18 -6.67 6.90
N GLU B 32 5.15 -6.44 7.76
CA GLU B 32 6.54 -6.60 7.38
C GLU B 32 6.91 -8.00 7.00
N ASN B 33 7.86 -8.08 6.07
CA ASN B 33 8.42 -9.37 5.65
C ASN B 33 7.39 -10.40 5.28
N THR B 34 6.37 -9.97 4.54
CA THR B 34 5.29 -10.84 4.08
C THR B 34 5.25 -10.81 2.54
N LEU B 35 4.87 -11.94 1.93
CA LEU B 35 4.76 -11.94 0.48
C LEU B 35 3.80 -10.85 -0.01
N GLU B 36 2.72 -10.60 0.75
CA GLU B 36 1.76 -9.59 0.39
C GLU B 36 2.42 -8.21 0.36
N GLY B 37 3.22 -7.94 1.41
CA GLY B 37 3.95 -6.67 1.50
C GLY B 37 4.96 -6.52 0.39
N PHE B 38 5.70 -7.57 0.08
CA PHE B 38 6.66 -7.50 -1.02
C PHE B 38 5.98 -7.28 -2.38
N ALA B 39 4.80 -7.89 -2.61
CA ALA B 39 4.09 -7.70 -3.84
C ALA B 39 3.60 -6.24 -3.92
N PHE B 40 3.12 -5.68 -2.79
CA PHE B 40 2.72 -4.30 -2.78
C PHE B 40 3.89 -3.39 -3.15
N THR B 41 5.04 -3.67 -2.55
CA THR B 41 6.19 -2.82 -2.74
C THR B 41 6.59 -2.79 -4.22
N LEU B 42 6.59 -3.96 -4.85
CA LEU B 42 6.95 -4.01 -6.27
C LEU B 42 5.89 -3.31 -7.13
N ALA B 43 4.62 -3.44 -6.75
CA ALA B 43 3.55 -2.77 -7.45
C ALA B 43 3.60 -1.24 -7.30
N ALA B 44 4.23 -0.78 -6.25
CA ALA B 44 4.45 0.67 -6.00
C ALA B 44 5.63 1.22 -6.79
N GLY B 45 6.25 0.38 -7.60
CA GLY B 45 7.38 0.78 -8.43
C GLY B 45 8.75 0.67 -7.79
N VAL B 46 8.80 0.13 -6.59
CA VAL B 46 10.07 -0.03 -5.90
C VAL B 46 10.90 -1.11 -6.53
N ARG B 47 12.16 -0.81 -6.75
CA ARG B 47 13.03 -1.72 -7.49
C ARG B 47 14.05 -2.52 -6.67
N ALA B 48 14.05 -2.32 -5.34
CA ALA B 48 14.97 -2.94 -4.46
C ALA B 48 14.27 -3.21 -3.12
N LEU B 49 14.48 -4.41 -2.56
CA LEU B 49 13.84 -4.84 -1.34
C LEU B 49 14.90 -5.18 -0.31
N GLU B 50 14.68 -4.78 0.93
CA GLU B 50 15.48 -5.25 2.06
C GLU B 50 14.62 -6.21 2.85
N PHE B 51 15.20 -7.30 3.33
CA PHE B 51 14.44 -8.24 4.17
C PHE B 51 15.46 -9.08 4.95
N ASP B 52 14.98 -9.79 5.96
CA ASP B 52 15.78 -10.47 6.92
C ASP B 52 15.59 -11.96 6.82
N VAL B 53 16.68 -12.70 6.96
CA VAL B 53 16.62 -14.20 6.88
C VAL B 53 17.19 -14.77 8.16
N VAL B 54 16.45 -15.72 8.73
N VAL B 54 16.41 -15.66 8.79
CA VAL B 54 16.84 -16.47 9.93
CA VAL B 54 16.87 -16.46 9.95
C VAL B 54 16.61 -17.94 9.61
C VAL B 54 16.49 -17.92 9.74
N MSE B 55 17.20 -18.81 10.41
CA MSE B 55 17.04 -20.26 10.22
C MSE B 55 16.10 -20.89 11.25
O MSE B 55 16.21 -20.59 12.44
CB MSE B 55 18.38 -21.01 10.36
CG MSE B 55 19.49 -20.62 9.49
SE MSE B 55 19.04 -20.89 7.60
CE MSE B 55 19.06 -22.61 7.70
N THR B 56 15.22 -21.75 10.80
CA THR B 56 14.40 -22.60 11.69
C THR B 56 15.26 -23.76 12.25
N ALA B 57 14.70 -24.47 13.23
CA ALA B 57 15.32 -25.61 13.85
C ALA B 57 15.65 -26.68 12.81
N ASP B 58 14.78 -26.82 11.80
CA ASP B 58 14.97 -27.83 10.76
C ASP B 58 15.63 -27.32 9.46
N GLY B 59 16.39 -26.23 9.57
CA GLY B 59 17.30 -25.78 8.52
C GLY B 59 16.69 -25.06 7.36
N VAL B 60 15.53 -24.46 7.60
CA VAL B 60 14.81 -23.75 6.54
C VAL B 60 15.08 -22.26 6.68
N PRO B 61 15.61 -21.62 5.63
CA PRO B 61 15.70 -20.17 5.76
C PRO B 61 14.34 -19.51 5.64
N VAL B 62 13.96 -18.67 6.60
CA VAL B 62 12.68 -17.99 6.62
C VAL B 62 12.88 -16.50 6.71
N VAL B 63 11.87 -15.77 6.29
CA VAL B 63 11.97 -14.30 6.20
C VAL B 63 11.28 -13.65 7.40
N THR B 64 12.06 -13.28 8.39
CA THR B 64 11.55 -12.58 9.59
C THR B 64 12.74 -11.89 10.25
N HIS B 65 12.46 -10.76 10.92
CA HIS B 65 13.49 -9.92 11.53
C HIS B 65 13.98 -10.43 12.87
N ASN B 66 13.09 -10.86 13.73
CA ASN B 66 13.48 -11.21 15.10
C ASN B 66 13.88 -12.68 15.18
N HIS B 67 14.84 -12.99 16.05
CA HIS B 67 15.19 -14.37 16.35
C HIS B 67 14.11 -15.01 17.19
N HIS B 68 13.24 -14.20 17.83
N HIS B 68 13.22 -14.19 17.72
CA HIS B 68 12.12 -14.70 18.63
CA HIS B 68 12.09 -14.69 18.44
C HIS B 68 10.81 -14.10 18.09
C HIS B 68 10.85 -14.21 17.70
N LEU B 69 9.77 -14.91 17.88
CA LEU B 69 8.47 -14.42 17.31
C LEU B 69 7.80 -13.51 18.34
N ALA B 70 7.67 -12.24 17.96
CA ALA B 70 7.17 -11.19 18.88
C ALA B 70 5.67 -11.27 19.05
N ASN B 71 5.25 -11.15 20.30
CA ASN B 71 3.85 -11.24 20.66
C ASN B 71 3.05 -10.09 20.03
N ALA B 72 3.72 -8.97 19.78
CA ALA B 72 3.11 -7.78 19.18
C ALA B 72 2.76 -7.94 17.71
N MSE B 73 3.38 -8.92 17.03
N MSE B 73 3.33 -8.98 17.11
CA MSE B 73 3.12 -9.14 15.60
CA MSE B 73 3.20 -9.23 15.68
C MSE B 73 2.67 -10.57 15.27
C MSE B 73 2.55 -10.55 15.29
O MSE B 73 2.56 -10.87 14.09
O MSE B 73 2.18 -10.73 14.15
CB MSE B 73 4.34 -8.79 14.70
CB MSE B 73 4.60 -9.29 15.07
CG MSE B 73 5.52 -9.78 14.66
CG MSE B 73 5.37 -8.04 15.24
SE MSE B 73 6.86 -9.36 13.20
SE MSE B 73 7.16 -8.25 14.55
CE MSE B 73 6.78 -7.54 13.72
CE MSE B 73 6.71 -8.86 12.75
N THR B 74 2.36 -11.40 16.26
CA THR B 74 2.06 -12.79 16.00
C THR B 74 0.80 -13.32 16.70
N ARG B 75 -0.09 -13.93 15.90
CA ARG B 75 -1.31 -14.54 16.41
C ARG B 75 -1.25 -16.03 16.18
N ASP B 76 -1.98 -16.75 17.01
CA ASP B 76 -2.12 -18.20 16.81
C ASP B 76 -3.22 -18.51 15.79
N GLY B 77 -3.44 -19.82 15.57
CA GLY B 77 -4.47 -20.34 14.69
C GLY B 77 -5.87 -19.90 15.12
N GLN B 78 -6.09 -19.59 16.41
N GLN B 78 -6.07 -19.62 16.41
CA GLN B 78 -7.41 -19.08 16.88
CA GLN B 78 -7.35 -19.13 16.92
C GLN B 78 -7.59 -17.57 16.62
C GLN B 78 -7.55 -17.60 16.72
N GLY B 79 -6.51 -16.90 16.21
CA GLY B 79 -6.56 -15.49 15.97
C GLY B 79 -6.10 -14.65 17.15
N HIS B 80 -5.72 -15.30 18.25
CA HIS B 80 -5.32 -14.58 19.45
C HIS B 80 -3.85 -14.17 19.40
N TRP B 81 -3.53 -12.97 19.89
CA TRP B 81 -2.13 -12.58 20.02
C TRP B 81 -1.45 -13.61 20.93
N LEU B 82 -0.24 -13.99 20.57
CA LEU B 82 0.52 -14.84 21.44
C LEU B 82 0.80 -14.11 22.75
N THR B 83 0.91 -14.90 23.81
CA THR B 83 1.24 -14.39 25.11
C THR B 83 2.32 -15.28 25.70
N GLY B 84 3.01 -14.78 26.71
CA GLY B 84 4.06 -15.62 27.33
C GLY B 84 5.40 -15.57 26.61
N ALA B 85 6.24 -16.60 26.84
CA ALA B 85 7.60 -16.60 26.32
C ALA B 85 7.63 -16.41 24.81
N GLU B 86 8.45 -15.50 24.32
CA GLU B 86 8.62 -15.32 22.87
C GLU B 86 9.51 -16.46 22.43
N ARG B 87 8.98 -17.32 21.57
N ARG B 87 8.96 -17.27 21.53
CA ARG B 87 9.72 -18.52 21.16
CA ARG B 87 9.60 -18.48 21.02
C ARG B 87 10.75 -18.24 20.08
C ARG B 87 10.77 -18.19 20.06
N GLN B 88 11.85 -18.94 20.21
CA GLN B 88 13.02 -18.79 19.34
C GLN B 88 12.75 -19.47 18.02
N VAL B 89 12.92 -18.72 16.92
CA VAL B 89 12.79 -19.30 15.59
C VAL B 89 13.71 -20.51 15.42
N ALA B 90 14.92 -20.40 15.95
CA ALA B 90 15.90 -21.47 15.93
C ALA B 90 15.49 -22.78 16.63
N GLU B 91 14.49 -22.70 17.51
N GLU B 91 14.50 -22.68 17.53
CA GLU B 91 14.01 -23.87 18.22
CA GLU B 91 13.97 -23.82 18.27
C GLU B 91 12.68 -24.40 17.68
C GLU B 91 12.53 -24.19 17.84
N MSE B 92 12.15 -23.75 16.65
CA MSE B 92 10.87 -24.11 16.04
C MSE B 92 11.10 -24.72 14.69
O MSE B 92 11.99 -24.29 13.96
CB MSE B 92 10.00 -22.86 15.83
CG MSE B 92 9.58 -22.19 17.13
SE MSE B 92 8.54 -20.62 16.88
CE MSE B 92 6.97 -21.46 16.39
N THR B 93 10.33 -25.74 14.34
CA THR B 93 10.35 -26.25 12.97
C THR B 93 9.56 -25.28 12.09
N TYR B 94 9.82 -25.35 10.79
N TYR B 94 9.80 -25.32 10.77
CA TYR B 94 9.06 -24.56 9.88
CA TYR B 94 9.03 -24.46 9.87
C TYR B 94 7.57 -24.77 10.06
C TYR B 94 7.53 -24.76 9.94
N ALA B 95 7.15 -26.03 10.13
CA ALA B 95 5.74 -26.35 10.29
C ALA B 95 5.10 -25.65 11.49
N GLU B 96 5.85 -25.55 12.59
CA GLU B 96 5.35 -24.86 13.76
C GLU B 96 5.18 -23.38 13.49
N ILE B 97 6.14 -22.78 12.78
CA ILE B 97 6.09 -21.37 12.47
C ILE B 97 4.94 -21.11 11.51
N ARG B 98 4.75 -22.01 10.57
CA ARG B 98 3.72 -21.83 9.53
C ARG B 98 2.30 -21.77 10.08
N ALA B 99 2.07 -22.33 11.26
CA ALA B 99 0.74 -22.29 11.87
C ALA B 99 0.35 -20.93 12.43
N LEU B 100 1.34 -20.06 12.50
CA LEU B 100 1.16 -18.73 13.09
C LEU B 100 0.82 -17.69 12.02
N ASP B 101 0.28 -16.58 12.53
CA ASP B 101 -0.21 -15.50 11.69
C ASP B 101 0.51 -14.19 11.99
N VAL B 102 1.21 -13.68 10.99
CA VAL B 102 1.98 -12.44 11.08
C VAL B 102 1.42 -11.34 10.15
N GLY B 103 0.14 -11.38 9.88
CA GLY B 103 -0.56 -10.47 9.04
C GLY B 103 -0.88 -9.09 9.55
N GLY B 104 -0.62 -8.82 10.84
CA GLY B 104 -0.94 -7.49 11.42
C GLY B 104 -0.23 -7.29 12.74
N LEU B 105 -0.36 -6.11 13.29
CA LEU B 105 0.23 -5.75 14.53
C LEU B 105 -0.85 -5.47 15.58
N ASP B 106 -0.44 -5.66 16.82
CA ASP B 106 -1.27 -5.38 17.98
C ASP B 106 -1.17 -3.90 18.29
N GLY B 107 -2.26 -3.14 18.04
CA GLY B 107 -2.26 -1.73 18.23
C GLY B 107 -2.21 -1.22 19.68
N ARG B 108 -2.28 -2.12 20.65
CA ARG B 108 -2.15 -1.80 22.06
C ARG B 108 -0.69 -1.89 22.53
N THR B 109 0.21 -2.28 21.63
CA THR B 109 1.64 -2.44 21.98
C THR B 109 2.42 -1.24 21.47
N VAL B 110 3.57 -0.98 22.10
CA VAL B 110 4.45 0.06 21.63
C VAL B 110 4.87 -0.15 20.13
N TYR B 111 5.24 -1.36 19.75
CA TYR B 111 5.65 -1.63 18.36
C TYR B 111 4.49 -1.39 17.43
N GLY B 112 3.30 -1.92 17.78
CA GLY B 112 2.13 -1.73 16.93
C GLY B 112 1.79 -0.25 16.74
N ARG B 113 1.94 0.57 17.80
CA ARG B 113 1.64 1.98 17.73
C ARG B 113 2.60 2.79 16.85
N ARG B 114 3.77 2.22 16.55
N ARG B 114 3.78 2.23 16.55
CA ARG B 114 4.71 2.85 15.63
CA ARG B 114 4.72 2.86 15.63
C ARG B 114 4.17 2.88 14.21
C ARG B 114 4.17 2.87 14.20
N PHE B 115 3.32 1.89 13.86
CA PHE B 115 2.82 1.69 12.47
C PHE B 115 1.31 1.54 12.45
N PRO B 116 0.65 2.65 12.83
CA PRO B 116 -0.83 2.62 12.97
C PRO B 116 -1.59 2.59 11.67
N ASP B 117 -0.93 2.86 10.54
CA ASP B 117 -1.64 2.90 9.24
C ASP B 117 -1.41 1.64 8.42
N GLN B 118 -0.63 0.70 8.98
CA GLN B 118 -0.41 -0.57 8.32
C GLN B 118 -1.71 -1.36 8.20
N ALA B 119 -1.92 -2.00 7.05
CA ALA B 119 -3.09 -2.85 6.88
C ALA B 119 -3.05 -4.03 7.88
N PHE B 120 -4.24 -4.50 8.23
CA PHE B 120 -4.41 -5.57 9.19
C PHE B 120 -4.97 -6.77 8.45
N LEU B 121 -4.10 -7.69 8.09
N LEU B 121 -4.09 -7.70 8.11
CA LEU B 121 -4.47 -8.90 7.35
CA LEU B 121 -4.43 -8.89 7.33
C LEU B 121 -4.54 -10.07 8.31
C LEU B 121 -4.43 -10.10 8.24
N THR B 122 -5.24 -11.12 7.88
CA THR B 122 -5.35 -12.32 8.69
C THR B 122 -4.99 -13.55 7.84
N GLY B 123 -4.36 -14.50 8.47
CA GLY B 123 -3.97 -15.74 7.79
C GLY B 123 -2.74 -15.62 6.92
N ILE B 124 -1.83 -14.72 7.31
CA ILE B 124 -0.57 -14.45 6.61
C ILE B 124 0.56 -15.17 7.31
N HIS B 125 1.33 -15.91 6.52
N HIS B 125 1.30 -15.98 6.56
CA HIS B 125 2.42 -16.75 7.03
CA HIS B 125 2.38 -16.79 7.13
C HIS B 125 3.77 -16.11 6.91
C HIS B 125 3.75 -16.19 6.90
N VAL B 126 4.68 -16.55 7.79
CA VAL B 126 6.09 -16.16 7.64
C VAL B 126 6.56 -16.89 6.36
N PRO B 127 7.09 -16.16 5.37
CA PRO B 127 7.51 -16.88 4.17
C PRO B 127 8.82 -17.57 4.27
N ARG B 128 8.97 -18.63 3.48
N ARG B 128 8.97 -18.66 3.52
CA ARG B 128 10.27 -19.24 3.30
CA ARG B 128 10.29 -19.25 3.35
C ARG B 128 11.03 -18.30 2.38
C ARG B 128 11.03 -18.36 2.36
N LEU B 129 12.34 -18.24 2.53
CA LEU B 129 13.18 -17.46 1.60
C LEU B 129 12.91 -17.96 0.17
N GLY B 130 12.82 -19.28 -0.02
CA GLY B 130 12.51 -19.80 -1.35
C GLY B 130 11.24 -19.24 -1.97
N GLU B 131 10.18 -19.05 -1.18
CA GLU B 131 8.95 -18.48 -1.70
C GLU B 131 9.15 -17.07 -2.20
N LEU B 132 9.90 -16.27 -1.45
CA LEU B 132 10.16 -14.89 -1.88
C LEU B 132 11.00 -14.90 -3.16
N LEU B 133 11.99 -15.78 -3.25
CA LEU B 133 12.86 -15.77 -4.41
C LEU B 133 12.11 -16.20 -5.63
N ASP B 134 11.22 -17.20 -5.47
CA ASP B 134 10.42 -17.72 -6.58
C ASP B 134 9.53 -16.61 -7.12
N LEU B 135 8.90 -15.86 -6.21
N LEU B 135 8.91 -15.86 -6.21
CA LEU B 135 8.07 -14.71 -6.57
CA LEU B 135 8.05 -14.73 -6.56
C LEU B 135 8.89 -13.73 -7.41
C LEU B 135 8.82 -13.63 -7.31
N CYS B 136 10.05 -13.33 -6.87
CA CYS B 136 10.92 -12.34 -7.54
C CYS B 136 11.40 -12.82 -8.92
N ALA B 137 11.80 -14.09 -9.03
CA ALA B 137 12.33 -14.64 -10.28
C ALA B 137 11.32 -14.64 -11.41
N GLY B 138 10.04 -14.71 -11.05
CA GLY B 138 8.94 -14.73 -12.02
C GLY B 138 8.86 -13.45 -12.83
N TYR B 139 9.27 -12.32 -12.23
CA TYR B 139 9.29 -10.99 -12.88
C TYR B 139 10.44 -10.88 -13.93
N GLY B 140 11.29 -11.90 -14.05
CA GLY B 140 12.42 -11.96 -15.02
C GLY B 140 13.41 -10.79 -14.94
N ASP B 141 13.57 -10.06 -16.05
CA ASP B 141 14.45 -8.91 -16.07
C ASP B 141 13.98 -7.82 -15.12
N GLN B 142 12.69 -7.77 -14.76
CA GLN B 142 12.16 -6.79 -13.80
C GLN B 142 12.24 -7.29 -12.32
N ALA B 143 12.93 -8.39 -12.07
CA ALA B 143 13.11 -8.85 -10.71
C ALA B 143 13.82 -7.75 -9.92
N PRO B 144 13.38 -7.46 -8.67
CA PRO B 144 14.08 -6.43 -7.88
C PRO B 144 15.44 -6.84 -7.38
N TYR B 145 16.22 -5.85 -6.98
CA TYR B 145 17.49 -6.07 -6.31
C TYR B 145 17.16 -6.45 -4.87
N LEU B 146 17.92 -7.38 -4.32
CA LEU B 146 17.67 -7.91 -2.97
C LEU B 146 18.79 -7.59 -2.00
N LEU B 147 18.49 -6.88 -0.93
CA LEU B 147 19.45 -6.63 0.16
C LEU B 147 19.04 -7.65 1.21
N LEU B 148 19.70 -8.79 1.18
CA LEU B 148 19.33 -9.98 1.97
C LEU B 148 20.09 -9.90 3.29
N GLU B 149 19.38 -9.53 4.35
CA GLU B 149 20.06 -9.38 5.64
C GLU B 149 20.17 -10.68 6.37
N LEU B 150 21.40 -11.12 6.56
CA LEU B 150 21.68 -12.37 7.30
C LEU B 150 21.81 -12.05 8.72
N LYS B 151 21.01 -12.79 9.47
N LYS B 151 21.01 -12.74 9.52
CA LYS B 151 20.90 -12.70 10.90
CA LYS B 151 21.06 -12.56 10.96
C LYS B 151 21.32 -14.01 11.56
C LYS B 151 21.34 -13.91 11.59
N SER B 152 22.58 -14.07 12.03
CA SER B 152 23.09 -15.26 12.65
C SER B 152 22.54 -15.41 14.07
N ASP B 153 22.14 -16.65 14.36
CA ASP B 153 21.64 -17.08 15.66
C ASP B 153 22.61 -16.61 16.76
N PRO B 154 22.23 -15.56 17.55
CA PRO B 154 23.18 -15.05 18.58
C PRO B 154 23.50 -16.01 19.75
N ALA B 155 22.67 -17.04 19.98
CA ALA B 155 22.91 -18.04 21.03
C ALA B 155 24.14 -18.86 20.72
N HIS B 158 29.01 -18.58 19.78
CA HIS B 158 29.61 -18.56 18.46
C HIS B 158 30.06 -19.94 18.02
N ASP B 159 29.37 -20.45 17.01
CA ASP B 159 29.64 -21.73 16.40
C ASP B 159 29.85 -21.50 14.92
N HIS B 160 31.09 -21.61 14.46
CA HIS B 160 31.35 -21.41 13.03
C HIS B 160 30.60 -22.41 12.15
N ALA B 161 30.48 -23.66 12.59
CA ALA B 161 29.78 -24.69 11.80
C ALA B 161 28.34 -24.29 11.49
N ALA B 162 27.60 -23.82 12.48
CA ALA B 162 26.24 -23.38 12.30
C ALA B 162 26.16 -22.15 11.44
N ARG B 163 27.12 -21.24 11.61
CA ARG B 163 27.12 -20.03 10.80
C ARG B 163 27.39 -20.37 9.32
N ALA B 164 28.30 -21.31 9.09
CA ALA B 164 28.58 -21.74 7.73
C ALA B 164 27.35 -22.46 7.14
N GLU B 165 26.65 -23.21 7.98
CA GLU B 165 25.46 -23.92 7.50
C GLU B 165 24.41 -22.91 7.09
N MSE B 166 24.27 -21.82 7.85
CA MSE B 166 23.27 -20.81 7.52
C MSE B 166 23.55 -20.19 6.17
O MSE B 166 22.69 -20.09 5.31
CB MSE B 166 23.17 -19.67 8.53
CG MSE B 166 22.51 -18.45 7.94
SE MSE B 166 22.13 -17.18 9.28
CE MSE B 166 20.83 -16.17 8.21
N VAL B 167 24.77 -19.72 5.98
CA VAL B 167 25.19 -19.12 4.70
C VAL B 167 24.97 -20.10 3.53
N ALA B 168 25.29 -21.37 3.76
CA ALA B 168 25.15 -22.41 2.72
C ALA B 168 23.66 -22.62 2.40
N ALA B 169 22.80 -22.64 3.43
CA ALA B 169 21.35 -22.79 3.21
C ALA B 169 20.78 -21.61 2.44
N VAL B 170 21.20 -20.40 2.80
CA VAL B 170 20.76 -19.24 2.08
C VAL B 170 21.20 -19.26 0.64
N LEU B 171 22.47 -19.62 0.40
CA LEU B 171 22.98 -19.67 -0.95
C LEU B 171 22.30 -20.74 -1.79
N ALA B 172 21.96 -21.86 -1.16
CA ALA B 172 21.30 -22.92 -1.90
C ALA B 172 19.98 -22.37 -2.47
N ASP B 173 19.27 -21.54 -1.69
CA ASP B 173 18.03 -20.95 -2.19
C ASP B 173 18.28 -19.92 -3.31
N VAL B 174 19.28 -19.08 -3.10
CA VAL B 174 19.60 -18.02 -4.08
C VAL B 174 19.91 -18.65 -5.42
N ARG B 175 20.70 -19.71 -5.37
CA ARG B 175 21.10 -20.39 -6.58
C ARG B 175 20.00 -21.23 -7.24
N ARG B 176 19.15 -21.83 -6.43
CA ARG B 176 18.03 -22.63 -6.94
C ARG B 176 17.12 -21.79 -7.83
N TYR B 177 16.90 -20.55 -7.39
CA TYR B 177 15.98 -19.60 -8.08
C TYR B 177 16.68 -18.65 -9.05
N ARG B 178 17.99 -18.85 -9.16
N ARG B 178 17.94 -18.95 -9.38
CA ARG B 178 18.84 -18.12 -10.05
CA ARG B 178 18.72 -18.23 -10.41
C ARG B 178 18.75 -16.61 -9.78
C ARG B 178 18.78 -16.74 -10.18
N MSE B 179 18.87 -16.22 -8.52
N MSE B 179 18.79 -16.38 -8.88
CA MSE B 179 18.77 -14.82 -8.18
CA MSE B 179 18.75 -14.98 -8.42
C MSE B 179 20.14 -14.26 -7.95
C MSE B 179 20.07 -14.34 -8.02
O MSE B 179 20.26 -13.16 -7.45
O MSE B 179 20.06 -13.28 -7.42
CB MSE B 179 17.83 -14.66 -6.97
CB MSE B 179 17.76 -14.86 -7.24
CG MSE B 179 16.36 -14.86 -7.36
CG MSE B 179 16.33 -14.72 -7.68
SE MSE B 179 15.69 -13.36 -8.47
SE MSE B 179 16.03 -12.97 -8.53
CE MSE B 179 15.85 -11.97 -7.21
CE MSE B 179 15.30 -13.71 -10.11
N GLU B 180 21.19 -14.96 -8.35
CA GLU B 180 22.52 -14.41 -8.12
C GLU B 180 22.64 -12.97 -8.70
N PRO B 181 22.07 -12.71 -9.90
CA PRO B 181 22.28 -11.36 -10.47
C PRO B 181 21.62 -10.20 -9.75
N ARG B 182 20.77 -10.52 -8.77
CA ARG B 182 20.06 -9.51 -7.99
C ARG B 182 20.39 -9.52 -6.52
N THR B 183 21.24 -10.44 -6.05
CA THR B 183 21.38 -10.64 -4.61
C THR B 183 22.64 -10.05 -3.99
N VAL B 184 22.44 -9.30 -2.92
CA VAL B 184 23.51 -8.73 -2.11
C VAL B 184 23.43 -9.28 -0.72
N MSE B 185 24.55 -9.82 -0.23
CA MSE B 185 24.62 -10.39 1.13
C MSE B 185 24.93 -9.23 2.09
O MSE B 185 25.96 -8.62 1.99
CB MSE B 185 25.65 -11.53 1.21
CG MSE B 185 25.39 -12.61 0.11
SE MSE B 185 23.79 -13.69 0.43
CE MSE B 185 24.69 -15.18 1.27
N HIS B 186 24.07 -9.02 3.07
CA HIS B 186 24.04 -7.81 3.91
C HIS B 186 23.98 -8.15 5.37
N SER B 187 24.81 -7.51 6.19
CA SER B 187 24.85 -7.89 7.60
C SER B 187 25.57 -6.92 8.49
N PHE B 188 25.16 -6.90 9.76
CA PHE B 188 25.94 -6.25 10.80
C PHE B 188 27.12 -7.13 11.22
N ASP B 189 27.00 -8.42 10.93
CA ASP B 189 28.01 -9.45 11.35
C ASP B 189 29.07 -9.57 10.27
N TRP B 190 30.15 -8.84 10.48
CA TRP B 190 31.18 -8.73 9.49
C TRP B 190 31.92 -10.06 9.30
N ALA B 191 32.06 -10.86 10.36
CA ALA B 191 32.69 -12.17 10.18
C ALA B 191 31.79 -13.02 9.32
N LEU B 192 30.46 -12.88 9.47
CA LEU B 192 29.54 -13.66 8.68
C LEU B 192 29.69 -13.25 7.22
N LEU B 193 29.92 -11.97 6.98
CA LEU B 193 30.12 -11.50 5.59
C LEU B 193 31.39 -12.11 4.99
N GLY B 194 32.42 -12.31 5.80
CA GLY B 194 33.59 -13.01 5.32
C GLY B 194 33.28 -14.44 4.86
N GLU B 195 32.39 -15.12 5.57
CA GLU B 195 31.96 -16.48 5.22
C GLU B 195 31.14 -16.43 3.96
N CYS B 196 30.32 -15.40 3.81
CA CYS B 196 29.55 -15.22 2.58
C CYS B 196 30.50 -15.16 1.39
N ARG B 197 31.56 -14.36 1.55
CA ARG B 197 32.54 -14.19 0.48
C ARG B 197 33.26 -15.47 0.15
N ARG B 198 33.56 -16.28 1.18
CA ARG B 198 34.22 -17.56 1.01
C ARG B 198 33.38 -18.53 0.16
N GLN B 199 32.11 -18.68 0.50
CA GLN B 199 31.21 -19.59 -0.23
C GLN B 199 30.59 -19.03 -1.51
N ALA B 200 30.51 -17.70 -1.61
CA ALA B 200 29.90 -17.02 -2.76
C ALA B 200 30.69 -15.75 -3.14
N PRO B 201 31.90 -15.94 -3.65
CA PRO B 201 32.72 -14.78 -4.04
C PRO B 201 32.09 -13.88 -5.12
N ASP B 202 31.17 -14.41 -5.92
CA ASP B 202 30.48 -13.61 -6.95
C ASP B 202 29.34 -12.73 -6.43
N LEU B 203 28.90 -12.89 -5.17
CA LEU B 203 27.85 -12.04 -4.64
C LEU B 203 28.48 -10.94 -3.80
N PRO B 204 28.10 -9.70 -4.07
CA PRO B 204 28.67 -8.63 -3.29
C PRO B 204 28.24 -8.68 -1.84
N THR B 205 29.05 -8.05 -1.00
CA THR B 205 28.81 -7.96 0.44
C THR B 205 28.56 -6.52 0.85
N SER B 206 27.59 -6.36 1.76
CA SER B 206 27.13 -5.09 2.24
C SER B 206 27.24 -5.05 3.77
N TYR B 207 28.00 -4.07 4.23
CA TYR B 207 28.37 -3.89 5.63
C TYR B 207 27.52 -2.88 6.36
N LEU B 208 26.65 -3.39 7.21
CA LEU B 208 25.82 -2.52 8.07
C LEU B 208 26.64 -1.97 9.23
N SER B 209 26.37 -0.72 9.61
CA SER B 209 27.02 -0.12 10.79
C SER B 209 26.02 0.78 11.52
N GLN B 210 26.17 0.87 12.84
CA GLN B 210 25.38 1.80 13.62
C GLN B 210 26.23 2.21 14.84
N LEU B 211 26.48 3.49 14.97
CA LEU B 211 27.32 4.01 16.06
C LEU B 211 26.62 3.77 17.39
N PRO B 212 27.40 3.46 18.45
CA PRO B 212 26.75 3.28 19.76
C PRO B 212 26.21 4.61 20.27
N GLU B 213 25.17 4.57 21.11
CA GLU B 213 24.56 5.76 21.79
C GLU B 213 23.39 6.36 21.01
N GLY B 227 30.51 -6.78 14.68
CA GLY B 227 30.72 -5.41 14.22
C GLY B 227 32.06 -4.85 14.66
N PRO B 228 32.42 -3.66 14.17
CA PRO B 228 33.72 -3.12 14.58
C PRO B 228 33.71 -2.62 16.02
N ASP B 229 34.89 -2.44 16.60
CA ASP B 229 35.00 -1.88 17.94
C ASP B 229 35.02 -0.36 17.74
N TYR B 230 33.84 0.23 17.69
CA TYR B 230 33.68 1.66 17.40
C TYR B 230 34.60 2.58 18.25
N ASP B 231 34.86 2.19 19.49
CA ASP B 231 35.73 2.94 20.40
C ASP B 231 37.22 2.81 20.04
N ARG B 232 37.71 1.59 19.86
CA ARG B 232 39.12 1.36 19.58
C ARG B 232 39.60 1.55 18.13
N MSE B 233 38.71 1.43 17.13
CA MSE B 233 39.16 1.48 15.72
C MSE B 233 39.84 2.81 15.36
O MSE B 233 39.41 3.89 15.79
CB MSE B 233 38.02 1.16 14.75
CG MSE B 233 36.95 2.24 14.68
SE MSE B 233 35.40 1.74 13.60
CE MSE B 233 36.27 1.14 11.98
N THR B 234 40.89 2.71 14.56
CA THR B 234 41.71 3.84 14.14
C THR B 234 41.52 4.22 12.66
N GLU B 235 40.76 3.41 11.93
CA GLU B 235 40.46 3.70 10.53
C GLU B 235 39.00 4.12 10.53
N SER B 236 38.59 4.80 9.48
CA SER B 236 37.19 5.23 9.36
C SER B 236 36.34 4.02 9.01
N LEU B 237 35.04 4.14 9.23
CA LEU B 237 34.12 3.06 8.84
C LEU B 237 34.24 2.71 7.34
N PRO B 238 34.18 3.72 6.44
CA PRO B 238 34.36 3.38 5.03
C PRO B 238 35.70 2.68 4.78
N GLN B 239 36.77 3.13 5.43
N GLN B 239 36.79 3.11 5.41
CA GLN B 239 38.07 2.49 5.27
CA GLN B 239 38.04 2.42 5.16
C GLN B 239 38.01 1.02 5.70
C GLN B 239 38.00 0.99 5.68
N ALA B 240 37.42 0.77 6.86
CA ALA B 240 37.30 -0.59 7.40
C ALA B 240 36.49 -1.53 6.46
N VAL B 241 35.39 -1.00 5.91
CA VAL B 241 34.56 -1.77 4.99
C VAL B 241 35.34 -2.14 3.72
N ALA B 242 36.02 -1.17 3.13
CA ALA B 242 36.79 -1.37 1.92
C ALA B 242 37.89 -2.40 2.18
N SER B 243 38.61 -2.23 3.28
CA SER B 243 39.67 -3.15 3.68
C SER B 243 39.18 -4.57 3.93
N ALA B 244 37.99 -4.72 4.50
CA ALA B 244 37.36 -6.05 4.75
C ALA B 244 36.97 -6.76 3.45
N GLY B 245 36.76 -5.99 2.40
CA GLY B 245 36.41 -6.54 1.10
C GLY B 245 34.98 -6.29 0.68
N GLY B 246 34.31 -5.38 1.36
CA GLY B 246 32.91 -5.10 1.05
C GLY B 246 32.74 -4.19 -0.16
N GLN B 247 31.56 -4.29 -0.77
CA GLN B 247 31.13 -3.45 -1.91
C GLN B 247 30.21 -2.30 -1.47
N LEU B 248 29.45 -2.52 -0.39
CA LEU B 248 28.53 -1.54 0.19
C LEU B 248 28.81 -1.28 1.65
N TRP B 249 28.63 -0.02 2.04
CA TRP B 249 28.67 0.43 3.43
C TRP B 249 27.27 0.96 3.69
N CYS B 250 26.60 0.42 4.71
CA CYS B 250 25.25 0.85 5.03
C CYS B 250 25.10 1.39 6.44
N PRO B 251 25.43 2.68 6.63
CA PRO B 251 25.33 3.29 7.96
C PRO B 251 23.92 3.76 8.33
N TYR B 252 23.60 3.64 9.61
CA TYR B 252 22.43 4.21 10.16
C TYR B 252 22.43 5.72 9.84
N PHE B 253 21.26 6.28 9.50
CA PHE B 253 21.21 7.64 8.93
C PHE B 253 21.72 8.73 9.87
N LEU B 254 21.50 8.58 11.18
CA LEU B 254 22.11 9.57 12.11
C LEU B 254 23.64 9.55 12.12
N ASP B 255 24.28 8.52 11.52
CA ASP B 255 25.73 8.39 11.47
C ASP B 255 26.39 8.92 10.18
N VAL B 256 25.57 9.43 9.26
CA VAL B 256 25.99 9.90 7.96
C VAL B 256 26.32 11.37 7.88
N THR B 257 27.41 11.69 7.19
CA THR B 257 27.76 13.05 6.84
C THR B 257 28.14 13.03 5.35
N PRO B 258 28.02 14.17 4.66
CA PRO B 258 28.42 14.22 3.25
C PRO B 258 29.87 13.85 3.06
N GLU B 259 30.71 14.22 4.03
CA GLU B 259 32.12 13.92 3.93
C GLU B 259 32.40 12.42 4.03
N LEU B 260 31.69 11.74 4.91
CA LEU B 260 31.87 10.31 5.04
C LEU B 260 31.36 9.60 3.78
N VAL B 261 30.26 10.10 3.22
CA VAL B 261 29.76 9.52 1.96
C VAL B 261 30.83 9.68 0.86
N ALA B 262 31.40 10.88 0.75
CA ALA B 262 32.41 11.18 -0.23
C ALA B 262 33.62 10.29 -0.05
N GLU B 263 34.05 10.08 1.19
CA GLU B 263 35.18 9.20 1.49
C GLU B 263 34.90 7.78 1.01
N ALA B 264 33.68 7.28 1.28
CA ALA B 264 33.29 5.94 0.86
C ALA B 264 33.33 5.84 -0.66
N HIS B 265 32.81 6.87 -1.35
CA HIS B 265 32.79 6.87 -2.79
C HIS B 265 34.18 6.89 -3.38
N ASP B 266 35.10 7.59 -2.73
CA ASP B 266 36.51 7.57 -3.15
C ASP B 266 37.14 6.19 -3.04
N LEU B 267 36.66 5.37 -2.09
CA LEU B 267 37.12 4.01 -1.89
C LEU B 267 36.40 2.99 -2.80
N GLY B 268 35.49 3.47 -3.64
CA GLY B 268 34.72 2.65 -4.56
C GLY B 268 33.48 1.97 -3.96
N LEU B 269 33.05 2.42 -2.78
CA LEU B 269 31.90 1.83 -2.14
C LEU B 269 30.58 2.48 -2.56
N ILE B 270 29.50 1.73 -2.44
CA ILE B 270 28.14 2.22 -2.60
C ILE B 270 27.63 2.40 -1.16
N VAL B 271 26.94 3.50 -0.87
CA VAL B 271 26.40 3.77 0.46
C VAL B 271 24.89 3.80 0.47
N LEU B 272 24.26 2.90 1.22
CA LEU B 272 22.82 2.92 1.40
C LEU B 272 22.53 3.20 2.85
N THR B 273 21.68 4.17 3.14
CA THR B 273 21.43 4.48 4.54
C THR B 273 20.01 4.02 4.90
N TRP B 274 19.80 3.82 6.21
CA TRP B 274 18.60 3.24 6.73
C TRP B 274 18.36 3.69 8.16
N THR B 275 17.14 3.61 8.69
CA THR B 275 15.87 3.33 7.99
C THR B 275 15.21 4.72 8.09
N VAL B 276 15.02 5.39 6.96
CA VAL B 276 14.72 6.82 6.93
C VAL B 276 13.26 6.98 6.62
N ASN B 277 12.52 7.51 7.60
CA ASN B 277 11.08 7.60 7.48
C ASN B 277 10.47 8.99 7.59
N GLU B 278 11.04 9.86 8.43
CA GLU B 278 10.47 11.19 8.61
C GLU B 278 10.80 12.04 7.41
N PRO B 279 9.84 12.84 6.94
CA PRO B 279 10.14 13.61 5.74
C PRO B 279 11.39 14.46 5.81
N GLU B 280 11.66 15.12 6.95
CA GLU B 280 12.83 15.97 7.02
C GLU B 280 14.14 15.16 6.96
N ASP B 281 14.09 13.92 7.48
CA ASP B 281 15.24 13.02 7.46
C ASP B 281 15.48 12.48 6.07
N ILE B 282 14.42 12.12 5.35
CA ILE B 282 14.57 11.64 3.95
C ILE B 282 15.22 12.75 3.07
N ARG B 283 14.68 13.93 3.20
N ARG B 283 14.70 13.95 3.18
CA ARG B 283 15.14 15.12 2.47
CA ARG B 283 15.24 15.07 2.42
C ARG B 283 16.62 15.40 2.76
C ARG B 283 16.68 15.32 2.75
N ARG B 284 16.98 15.36 4.05
CA ARG B 284 18.34 15.60 4.46
C ARG B 284 19.25 14.53 3.89
N MSE B 285 18.86 13.25 4.00
CA MSE B 285 19.71 12.19 3.45
C MSE B 285 19.89 12.25 1.94
O MSE B 285 20.96 11.95 1.42
CB MSE B 285 19.17 10.79 3.82
CG MSE B 285 19.34 10.33 5.23
SE MSE B 285 21.17 10.42 5.84
CE MSE B 285 20.88 12.00 6.65
N ALA B 286 18.85 12.65 1.21
CA ALA B 286 18.93 12.74 -0.23
C ALA B 286 19.99 13.74 -0.65
N THR B 287 20.20 14.78 0.16
CA THR B 287 21.20 15.80 -0.15
C THR B 287 22.64 15.40 0.18
N THR B 288 22.86 14.33 0.91
CA THR B 288 24.21 13.94 1.35
C THR B 288 25.00 13.21 0.28
N GLY B 289 24.32 12.73 -0.75
CA GLY B 289 25.03 11.96 -1.77
C GLY B 289 24.94 10.46 -1.61
N VAL B 290 24.21 9.97 -0.61
CA VAL B 290 24.01 8.52 -0.47
C VAL B 290 23.47 7.99 -1.79
N ASP B 291 23.86 6.75 -2.09
CA ASP B 291 23.39 6.07 -3.29
C ASP B 291 21.92 5.71 -3.19
N GLY B 292 21.48 5.39 -1.98
CA GLY B 292 20.09 4.98 -1.77
C GLY B 292 19.63 5.05 -0.34
N ILE B 293 18.30 5.04 -0.19
CA ILE B 293 17.63 5.17 1.12
C ILE B 293 16.72 3.98 1.34
N VAL B 294 16.92 3.30 2.47
CA VAL B 294 16.08 2.21 2.94
C VAL B 294 15.01 2.85 3.81
N THR B 295 13.74 2.53 3.53
CA THR B 295 12.63 3.17 4.18
C THR B 295 11.44 2.30 4.39
N ASP B 296 10.76 2.51 5.52
CA ASP B 296 9.48 1.87 5.80
C ASP B 296 8.32 2.46 4.96
N TYR B 297 8.56 3.59 4.29
CA TYR B 297 7.53 4.34 3.55
C TYR B 297 8.03 4.68 2.14
N PRO B 298 8.01 3.70 1.24
CA PRO B 298 8.55 3.94 -0.09
C PRO B 298 7.85 5.05 -0.89
N GLY B 299 6.52 5.15 -0.78
CA GLY B 299 5.78 6.18 -1.49
C GLY B 299 6.16 7.56 -0.98
N ARG B 300 6.24 7.70 0.34
CA ARG B 300 6.64 8.96 0.92
C ARG B 300 8.00 9.39 0.40
N THR B 301 8.93 8.45 0.35
CA THR B 301 10.28 8.69 -0.13
C THR B 301 10.31 9.06 -1.63
N GLN B 302 9.60 8.26 -2.45
CA GLN B 302 9.43 8.59 -3.87
C GLN B 302 8.99 10.04 -4.07
N ARG B 303 7.98 10.46 -3.32
CA ARG B 303 7.39 11.77 -3.52
C ARG B 303 8.39 12.89 -3.15
N ILE B 304 9.11 12.71 -2.04
CA ILE B 304 10.16 13.68 -1.63
C ILE B 304 11.29 13.77 -2.68
N LEU B 305 11.77 12.64 -3.17
CA LEU B 305 12.79 12.64 -4.22
C LEU B 305 12.28 13.37 -5.47
N ILE B 306 11.04 13.09 -5.88
CA ILE B 306 10.51 13.79 -7.07
C ILE B 306 10.45 15.30 -6.85
N ASP B 307 10.03 15.68 -5.66
CA ASP B 307 9.93 17.09 -5.31
C ASP B 307 11.29 17.79 -5.35
N MSE B 308 12.36 17.02 -5.10
CA MSE B 308 13.74 17.57 -5.10
C MSE B 308 14.40 17.42 -6.48
O MSE B 308 15.58 17.66 -6.63
CB MSE B 308 14.56 16.79 -4.12
CG MSE B 308 14.10 16.96 -2.69
SE MSE B 308 15.05 15.77 -1.49
CE MSE B 308 16.82 16.61 -1.60
N GLY B 309 13.65 16.96 -7.47
CA GLY B 309 14.18 16.81 -8.83
C GLY B 309 15.08 15.59 -9.01
N LEU B 310 14.88 14.60 -8.14
CA LEU B 310 15.62 13.37 -8.18
C LEU B 310 14.73 12.23 -8.59
N SER B 311 15.34 11.16 -9.05
CA SER B 311 14.61 9.96 -9.41
C SER B 311 15.32 8.75 -8.82
N TRP B 312 14.69 7.61 -8.94
CA TRP B 312 15.21 6.36 -8.38
C TRP B 312 15.42 5.24 -9.38
N THR B 313 15.06 5.45 -10.64
CA THR B 313 15.20 4.40 -11.68
C THR B 313 16.44 4.65 -12.48
MG MG C . -16.61 9.51 -5.57
CL CL D . -1.81 24.25 -5.74
CL CL E . -11.55 15.05 -2.22
CL CL F . -17.85 -8.27 2.98
O1 UNL G . -17.43 12.67 -3.37
O2 UNL G . -18.28 11.56 -2.83
O3 UNL G . -17.20 10.50 -2.41
O4 UNL G . -16.35 9.98 -3.44
O5 UNL G . -17.89 9.13 -1.87
O6 UNL G . -18.68 8.52 -2.85
MG MG H . 16.85 -5.80 8.30
MG MG I . -10.92 -16.57 20.40
CL CL J . 26.87 -17.42 -6.25
CL CL K . 12.91 -0.78 13.84
O1 UNL L . 19.08 -3.45 6.62
O2 UNL L . 18.42 -2.19 7.27
O3 UNL L . 17.94 -2.58 8.75
O4 UNL L . 16.98 -3.69 8.60
O5 UNL L . 19.17 -2.92 9.58
O6 UNL L . 18.54 -3.09 10.97
#